data_6SMC
#
_entry.id   6SMC
#
_cell.length_a   50.074
_cell.length_b   96.791
_cell.length_c   107.780
_cell.angle_alpha   68.586
_cell.angle_beta   76.842
_cell.angle_gamma   85.827
#
_symmetry.space_group_name_H-M   'P 1'
#
loop_
_entity.id
_entity.type
_entity.pdbx_description
1 polymer 'Interleukin-12 subunit beta'
2 branched alpha-D-mannopyranose-(1-3)-beta-D-mannopyranose-(1-4)-2-acetamido-2-deoxy-beta-D-glucopyranose-(1-4)-2-acetamido-2-deoxy-beta-D-glucopyranose
3 non-polymer 'CHLORIDE ION'
#
_entity_poly.entity_id   1
_entity_poly.type   'polypeptide(L)'
_entity_poly.pdbx_seq_one_letter_code
;MCPQKLTISWFAIVLLVSPLMAMWELEKDVYVVEVDWTPDAPGETVNLTCDTPEEDDITWTSDQRHGVIGSGKTLTITVK
EFLDAGQYTCHKGGETLSHSHLLLHKKENGIWSTEILKNFKNKTFLKCEAPNYSGRFTCSWLVQRNMDLKFNIKSSSSSP
DSRAVTCGMASLSAEKVTLDQRDYEKYSVSCQEDVTCPTAEETLPIELALEARQQNKYENYSTSFFIRDIIKPDPPKNLQ
MKPLKNSQVEVSWEYPDSWSTPHSYFSLKFFVRIQRKKEKMKETEEGCNQKGAFLVEKTSTEVQCKGGNVCVQAQDRYYN
SSCSKWACVPCRVRSGTKHHHHHH
;
_entity_poly.pdbx_strand_id   A,B,C,D
#
# COMPACT_ATOMS: atom_id res chain seq x y z
N MET A 23 8.56 36.84 21.47
CA MET A 23 7.66 37.40 20.48
C MET A 23 6.62 36.38 20.03
N TRP A 24 5.73 36.79 19.13
CA TRP A 24 4.74 35.88 18.58
C TRP A 24 4.33 36.38 17.21
N GLU A 25 4.02 35.43 16.33
CA GLU A 25 3.77 35.73 14.93
C GLU A 25 2.36 36.27 14.72
N LEU A 26 2.24 37.18 13.75
CA LEU A 26 0.95 37.72 13.32
C LEU A 26 0.55 37.22 11.93
N GLU A 27 1.46 37.30 10.96
CA GLU A 27 1.21 36.79 9.62
C GLU A 27 2.55 36.35 9.03
N LYS A 28 2.50 35.87 7.79
CA LYS A 28 3.70 35.40 7.11
C LYS A 28 4.79 36.45 7.12
N ASP A 29 5.91 36.15 7.76
CA ASP A 29 7.08 37.04 7.82
C ASP A 29 6.77 38.34 8.55
N VAL A 30 5.89 38.29 9.55
CA VAL A 30 5.51 39.45 10.35
C VAL A 30 5.31 38.97 11.78
N TYR A 31 6.07 39.55 12.72
CA TYR A 31 6.07 39.11 14.11
C TYR A 31 5.91 40.31 15.02
N VAL A 32 5.52 40.03 16.27
CA VAL A 32 5.21 41.07 17.25
C VAL A 32 5.96 40.77 18.54
N VAL A 33 6.72 41.76 19.03
CA VAL A 33 7.54 41.61 20.23
C VAL A 33 6.87 42.38 21.36
N GLU A 34 6.58 41.67 22.45
CA GLU A 34 6.08 42.30 23.67
C GLU A 34 7.26 42.91 24.40
N VAL A 35 7.30 44.24 24.47
CA VAL A 35 8.43 44.96 25.03
C VAL A 35 7.97 45.73 26.26
N ASP A 36 8.75 45.64 27.33
CA ASP A 36 8.55 46.46 28.52
C ASP A 36 9.29 47.78 28.32
N TRP A 37 8.55 48.88 28.24
CA TRP A 37 9.12 50.14 27.81
C TRP A 37 9.91 50.86 28.90
N THR A 38 9.74 50.46 30.15
CA THR A 38 10.46 51.10 31.23
C THR A 38 11.96 51.10 30.92
N PRO A 39 12.66 52.23 31.07
CA PRO A 39 14.02 52.33 30.51
C PRO A 39 15.06 51.52 31.27
N ASP A 40 14.83 51.17 32.53
CA ASP A 40 15.80 50.40 33.30
C ASP A 40 15.73 48.90 33.04
N ALA A 41 14.67 48.41 32.38
CA ALA A 41 14.53 46.98 32.11
C ALA A 41 15.15 46.64 30.76
N PRO A 42 15.82 45.48 30.64
CA PRO A 42 16.45 45.13 29.38
C PRO A 42 15.46 44.63 28.35
N GLY A 43 15.89 44.70 27.09
CA GLY A 43 15.07 44.27 25.97
C GLY A 43 15.01 42.76 25.84
N GLU A 44 14.34 42.31 24.79
CA GLU A 44 14.17 40.90 24.49
C GLU A 44 15.06 40.51 23.33
N THR A 45 15.83 39.44 23.50
CA THR A 45 16.63 38.88 22.43
C THR A 45 15.81 37.90 21.61
N VAL A 46 15.93 38.00 20.28
CA VAL A 46 15.10 37.21 19.37
C VAL A 46 15.98 36.72 18.22
N ASN A 47 15.79 35.46 17.83
CA ASN A 47 16.48 34.87 16.70
C ASN A 47 15.66 35.09 15.43
N LEU A 48 16.32 35.51 14.36
CA LEU A 48 15.72 35.60 13.03
C LEU A 48 16.59 34.79 12.07
N THR A 49 16.08 33.65 11.62
CA THR A 49 16.80 32.77 10.70
C THR A 49 16.28 32.95 9.29
N CYS A 50 17.19 32.97 8.32
CA CYS A 50 16.84 33.16 6.92
C CYS A 50 16.29 31.85 6.36
N ASP A 51 15.13 31.93 5.71
CA ASP A 51 14.42 30.75 5.20
C ASP A 51 14.96 30.38 3.81
N THR A 52 16.17 29.84 3.81
CA THR A 52 16.86 29.49 2.57
C THR A 52 17.73 28.28 2.82
N PRO A 53 17.88 27.39 1.83
CA PRO A 53 18.81 26.26 2.01
C PRO A 53 20.25 26.69 2.23
N GLU A 54 20.67 27.78 1.61
CA GLU A 54 22.06 28.21 1.71
C GLU A 54 22.40 28.55 3.16
N GLU A 55 23.69 28.38 3.50
CA GLU A 55 24.16 28.66 4.85
C GLU A 55 25.48 29.40 4.85
N ASP A 56 25.87 30.03 3.75
CA ASP A 56 27.09 30.81 3.67
C ASP A 56 26.84 32.03 2.80
N ASP A 57 27.51 33.14 3.16
CA ASP A 57 27.35 34.41 2.46
C ASP A 57 26.01 35.07 2.73
N ILE A 58 25.47 34.88 3.93
CA ILE A 58 24.17 35.42 4.30
C ILE A 58 24.40 36.68 5.12
N THR A 59 23.83 37.79 4.68
CA THR A 59 23.93 39.07 5.38
C THR A 59 22.53 39.67 5.52
N TRP A 60 22.41 40.61 6.45
CA TRP A 60 21.13 41.23 6.79
C TRP A 60 21.20 42.73 6.57
N THR A 61 20.12 43.29 6.01
CA THR A 61 19.99 44.74 5.83
C THR A 61 18.65 45.17 6.42
N SER A 62 18.70 46.14 7.33
CA SER A 62 17.50 46.71 7.94
C SER A 62 17.10 48.00 7.23
N ASP A 63 15.81 48.32 7.30
CA ASP A 63 15.36 49.61 6.81
C ASP A 63 15.70 50.71 7.80
N GLN A 64 15.61 50.42 9.11
CA GLN A 64 15.92 51.43 10.11
C GLN A 64 17.38 51.86 10.02
N ARG A 65 18.28 50.94 9.70
CA ARG A 65 19.71 51.20 9.65
C ARG A 65 20.23 50.86 8.27
N HIS A 66 20.88 51.82 7.63
CA HIS A 66 21.55 51.56 6.36
C HIS A 66 22.74 50.64 6.58
N GLY A 67 22.99 49.75 5.62
CA GLY A 67 24.13 48.87 5.70
C GLY A 67 23.79 47.53 6.32
N VAL A 68 24.81 46.68 6.41
CA VAL A 68 24.66 45.36 6.99
C VAL A 68 24.76 45.45 8.52
N ILE A 69 23.96 44.64 9.21
CA ILE A 69 23.95 44.61 10.66
C ILE A 69 24.52 43.29 11.19
N GLY A 70 24.17 42.17 10.56
CA GLY A 70 24.61 40.87 11.01
C GLY A 70 24.88 39.94 9.85
N SER A 71 25.75 38.96 10.11
CA SER A 71 26.09 37.91 9.17
C SER A 71 25.72 36.57 9.77
N GLY A 72 25.48 35.60 8.90
CA GLY A 72 25.09 34.27 9.33
C GLY A 72 23.60 34.01 9.15
N LYS A 73 23.25 32.73 9.06
CA LYS A 73 21.87 32.36 8.80
C LYS A 73 20.95 32.79 9.94
N THR A 74 21.40 32.62 11.19
CA THR A 74 20.62 32.98 12.37
C THR A 74 21.18 34.27 12.95
N LEU A 75 20.38 35.33 12.91
CA LEU A 75 20.74 36.63 13.47
C LEU A 75 19.95 36.83 14.77
N THR A 76 20.67 36.96 15.87
CA THR A 76 20.08 37.14 17.20
C THR A 76 20.27 38.59 17.61
N ILE A 77 19.16 39.31 17.83
CA ILE A 77 19.18 40.73 18.09
C ILE A 77 18.34 41.06 19.32
N THR A 78 18.80 42.01 20.11
CA THR A 78 18.02 42.55 21.22
C THR A 78 17.15 43.70 20.74
N VAL A 79 15.91 43.72 21.22
CA VAL A 79 14.90 44.70 20.79
C VAL A 79 14.32 45.39 22.02
N LYS A 80 14.50 46.71 22.09
CA LYS A 80 13.82 47.53 23.10
C LYS A 80 13.23 48.82 22.56
N GLU A 81 13.70 49.34 21.42
CA GLU A 81 13.14 50.54 20.83
C GLU A 81 12.75 50.27 19.38
N PHE A 82 11.92 51.17 18.83
CA PHE A 82 11.44 50.98 17.46
C PHE A 82 12.58 50.94 16.45
N LEU A 83 13.75 51.52 16.79
CA LEU A 83 14.88 51.42 15.90
C LEU A 83 15.33 49.97 15.70
N ASP A 84 14.98 49.08 16.64
CA ASP A 84 15.29 47.66 16.53
C ASP A 84 14.18 46.87 15.84
N ALA A 85 13.29 47.53 15.14
CA ALA A 85 12.19 46.88 14.42
C ALA A 85 12.31 47.18 12.93
N GLY A 86 11.31 46.79 12.18
CA GLY A 86 11.24 47.06 10.75
C GLY A 86 11.45 45.82 9.92
N GLN A 87 11.86 46.05 8.67
CA GLN A 87 12.00 44.99 7.67
C GLN A 87 13.46 44.56 7.57
N TYR A 88 13.79 43.45 8.22
CA TYR A 88 15.10 42.84 8.06
C TYR A 88 15.08 41.95 6.81
N THR A 89 15.97 42.22 5.86
CA THR A 89 16.04 41.48 4.61
C THR A 89 17.42 40.85 4.46
N CYS A 90 17.43 39.58 4.04
CA CYS A 90 18.69 38.88 3.82
C CYS A 90 19.37 39.40 2.54
N HIS A 91 20.59 38.93 2.31
CA HIS A 91 21.34 39.30 1.12
C HIS A 91 22.45 38.28 0.90
N LYS A 92 22.51 37.74 -0.31
CA LYS A 92 23.56 36.80 -0.68
C LYS A 92 23.89 37.01 -2.14
N GLY A 93 25.18 37.05 -2.47
CA GLY A 93 25.63 37.18 -3.83
C GLY A 93 24.98 38.32 -4.59
N GLY A 94 24.57 39.35 -3.87
CA GLY A 94 23.94 40.51 -4.50
C GLY A 94 22.46 40.39 -4.73
N GLU A 95 21.81 39.38 -4.16
CA GLU A 95 20.38 39.16 -4.33
C GLU A 95 19.73 38.97 -2.96
N THR A 96 18.51 39.47 -2.83
CA THR A 96 17.74 39.31 -1.59
C THR A 96 17.16 37.90 -1.52
N LEU A 97 17.22 37.31 -0.32
CA LEU A 97 16.73 35.95 -0.11
C LEU A 97 15.35 35.92 0.54
N SER A 98 15.22 36.48 1.73
CA SER A 98 13.96 36.44 2.48
C SER A 98 13.92 37.62 3.43
N HIS A 99 12.71 38.06 3.75
CA HIS A 99 12.48 39.22 4.58
C HIS A 99 11.67 38.85 5.81
N SER A 100 11.82 39.66 6.87
CA SER A 100 11.11 39.46 8.12
C SER A 100 10.81 40.83 8.72
N HIS A 101 9.53 41.08 9.02
CA HIS A 101 9.07 42.36 9.56
C HIS A 101 8.72 42.20 11.03
N LEU A 102 9.17 43.14 11.85
CA LEU A 102 8.95 43.10 13.29
C LEU A 102 8.06 44.27 13.72
N LEU A 103 7.30 44.04 14.78
CA LEU A 103 6.43 45.05 15.35
C LEU A 103 6.58 45.04 16.87
N LEU A 104 6.30 46.17 17.48
CA LEU A 104 6.45 46.33 18.92
C LEU A 104 5.09 46.58 19.57
N HIS A 105 4.88 45.97 20.73
CA HIS A 105 3.72 46.22 21.58
C HIS A 105 4.26 46.77 22.90
N LYS A 106 4.16 48.08 23.08
CA LYS A 106 4.71 48.71 24.26
C LYS A 106 3.96 48.25 25.51
N LYS A 107 4.67 48.28 26.64
CA LYS A 107 4.09 47.87 27.91
C LYS A 107 4.82 48.65 28.99
N GLU A 108 4.17 49.67 29.55
CA GLU A 108 4.77 50.57 30.52
C GLU A 108 4.09 50.37 31.86
N ASN A 109 4.89 50.15 32.90
CA ASN A 109 4.37 49.81 34.22
C ASN A 109 3.33 48.70 34.10
N GLY A 110 3.64 47.69 33.31
CA GLY A 110 2.71 46.60 33.08
C GLY A 110 1.36 47.03 32.56
N ILE A 111 1.32 48.05 31.71
CA ILE A 111 0.09 48.52 31.08
C ILE A 111 0.34 48.62 29.58
N TRP A 112 -0.54 48.03 28.79
CA TRP A 112 -0.37 48.03 27.34
C TRP A 112 -0.74 49.38 26.75
N SER A 113 0.02 49.79 25.75
CA SER A 113 -0.15 51.12 25.17
C SER A 113 -1.47 51.21 24.39
N THR A 114 -2.05 52.40 24.43
CA THR A 114 -3.30 52.72 23.75
C THR A 114 -3.17 54.04 23.01
N GLU A 115 -2.04 54.23 22.33
CA GLU A 115 -1.66 55.53 21.81
C GLU A 115 -2.05 55.75 20.34
N ILE A 116 -2.41 54.71 19.62
CA ILE A 116 -2.76 54.90 18.21
C ILE A 116 -4.14 55.54 18.08
N LEU A 117 -5.10 55.09 18.89
CA LEU A 117 -6.48 55.54 18.80
C LEU A 117 -6.73 56.71 19.74
N LYS A 118 -7.70 57.54 19.39
CA LYS A 118 -8.20 58.60 20.26
C LYS A 118 -9.51 58.15 20.89
N ASN A 119 -9.61 58.26 22.22
CA ASN A 119 -10.80 57.83 22.92
C ASN A 119 -11.94 58.84 22.70
N PHE A 120 -13.16 58.35 22.87
CA PHE A 120 -14.35 59.17 22.74
C PHE A 120 -14.66 59.88 24.06
N LYS A 121 -15.71 60.71 24.05
CA LYS A 121 -16.12 61.42 25.25
C LYS A 121 -16.32 60.48 26.42
N ASN A 122 -16.87 59.28 26.16
CA ASN A 122 -17.13 58.30 27.20
C ASN A 122 -15.90 57.52 27.62
N LYS A 123 -14.72 57.85 27.08
CA LYS A 123 -13.42 57.26 27.38
C LYS A 123 -13.25 55.91 26.73
N THR A 124 -14.24 55.39 26.02
CA THR A 124 -14.09 54.15 25.27
C THR A 124 -13.49 54.45 23.89
N PHE A 125 -12.92 53.41 23.28
CA PHE A 125 -12.25 53.57 22.00
C PHE A 125 -13.07 53.06 20.82
N LEU A 126 -13.99 52.13 21.06
CA LEU A 126 -14.76 51.49 19.99
C LEU A 126 -16.24 51.76 20.22
N LYS A 127 -16.78 52.73 19.48
CA LYS A 127 -18.18 53.06 19.52
C LYS A 127 -18.92 52.24 18.45
N CYS A 128 -19.83 51.39 18.89
CA CYS A 128 -20.56 50.48 18.01
C CYS A 128 -22.05 50.74 18.13
N GLU A 129 -22.74 50.82 16.98
CA GLU A 129 -24.15 51.15 16.95
C GLU A 129 -24.87 50.29 15.92
N ALA A 130 -26.16 50.06 16.18
CA ALA A 130 -26.99 49.21 15.33
C ALA A 130 -28.31 49.92 15.06
N PRO A 131 -28.67 50.18 13.80
CA PRO A 131 -29.95 50.82 13.52
C PRO A 131 -31.15 49.90 13.62
N ASN A 132 -30.96 48.62 13.88
CA ASN A 132 -32.06 47.65 13.98
C ASN A 132 -31.51 46.38 14.60
N TYR A 133 -32.40 45.39 14.77
CA TYR A 133 -32.04 44.12 15.39
C TYR A 133 -31.62 43.08 14.36
N SER A 134 -31.32 43.49 13.12
CA SER A 134 -31.00 42.55 12.05
C SER A 134 -29.71 41.79 12.25
N GLY A 135 -28.99 42.01 13.36
CA GLY A 135 -27.67 41.45 13.54
C GLY A 135 -26.56 42.26 12.92
N ARG A 136 -26.88 43.15 11.98
CA ARG A 136 -25.90 44.03 11.38
C ARG A 136 -25.62 45.21 12.31
N PHE A 137 -24.37 45.62 12.37
CA PHE A 137 -23.96 46.77 13.16
C PHE A 137 -22.68 47.32 12.56
N THR A 138 -22.27 48.49 13.07
CA THR A 138 -21.07 49.16 12.61
C THR A 138 -20.32 49.72 13.81
N CYS A 139 -19.00 49.56 13.81
CA CYS A 139 -18.15 50.05 14.86
C CYS A 139 -17.23 51.12 14.30
N SER A 140 -17.05 52.20 15.05
CA SER A 140 -16.21 53.31 14.64
C SER A 140 -15.18 53.59 15.72
N TRP A 141 -14.10 54.25 15.32
CA TRP A 141 -13.04 54.63 16.25
C TRP A 141 -12.31 55.84 15.69
N LEU A 142 -11.61 56.55 16.57
CA LEU A 142 -10.89 57.76 16.21
C LEU A 142 -9.38 57.52 16.24
N VAL A 143 -8.68 58.14 15.31
CA VAL A 143 -7.23 57.99 15.18
C VAL A 143 -6.57 59.28 15.61
N GLN A 144 -5.41 59.15 16.27
CA GLN A 144 -4.64 60.33 16.66
C GLN A 144 -4.01 61.01 15.46
N ARG A 145 -3.38 60.23 14.59
CA ARG A 145 -2.83 60.71 13.33
C ARG A 145 -3.16 59.69 12.25
N ASN A 146 -3.13 60.15 11.00
CA ASN A 146 -3.47 59.31 9.85
C ASN A 146 -2.27 59.26 8.92
N MET A 147 -1.36 58.33 9.19
CA MET A 147 -0.21 58.10 8.32
C MET A 147 0.18 56.64 8.49
N ASP A 148 0.04 55.86 7.41
CA ASP A 148 0.48 54.46 7.37
C ASP A 148 -0.17 53.65 8.49
N LEU A 149 -1.49 53.53 8.39
CA LEU A 149 -2.30 52.77 9.33
C LEU A 149 -2.80 51.48 8.70
N LYS A 150 -2.85 50.42 9.50
CA LYS A 150 -3.41 49.13 9.09
C LYS A 150 -4.36 48.65 10.18
N PHE A 151 -5.57 48.26 9.78
CA PHE A 151 -6.62 47.89 10.73
C PHE A 151 -7.18 46.51 10.41
N ASN A 152 -7.33 45.69 11.46
CA ASN A 152 -7.97 44.39 11.37
C ASN A 152 -8.90 44.24 12.57
N ILE A 153 -10.03 43.56 12.35
CA ILE A 153 -11.06 43.42 13.36
C ILE A 153 -11.63 42.01 13.27
N LYS A 154 -11.82 41.38 14.42
CA LYS A 154 -12.25 39.99 14.45
C LYS A 154 -12.83 39.67 15.83
N SER A 155 -13.60 38.58 15.87
CA SER A 155 -14.14 38.11 17.14
C SER A 155 -13.01 37.75 18.09
N SER A 156 -13.03 38.31 19.29
CA SER A 156 -11.93 38.13 20.22
C SER A 156 -11.99 36.79 20.97
N SER A 157 -13.12 36.09 20.91
CA SER A 157 -13.25 34.77 21.51
C SER A 157 -13.10 33.67 20.46
N SER A 158 -13.96 33.70 19.44
CA SER A 158 -13.92 32.76 18.31
C SER A 158 -13.68 31.33 18.81
N SER A 159 -14.62 30.89 19.64
CA SER A 159 -14.60 29.55 20.21
C SER A 159 -16.02 29.15 20.56
N PRO A 160 -16.27 27.86 20.81
CA PRO A 160 -17.58 27.48 21.35
C PRO A 160 -17.96 28.36 22.52
N ASP A 161 -19.25 28.67 22.62
CA ASP A 161 -19.76 29.67 23.56
C ASP A 161 -19.32 31.07 23.14
N SER A 162 -19.39 31.34 21.83
CA SER A 162 -19.12 32.66 21.29
C SER A 162 -20.14 32.95 20.19
N ARG A 163 -20.02 34.14 19.60
CA ARG A 163 -20.99 34.63 18.62
C ARG A 163 -20.28 34.85 17.30
N ALA A 164 -20.71 34.13 16.27
CA ALA A 164 -20.08 34.21 14.97
C ALA A 164 -20.44 35.54 14.31
N VAL A 165 -19.43 36.35 14.05
CA VAL A 165 -19.59 37.66 13.40
C VAL A 165 -18.60 37.75 12.26
N THR A 166 -19.05 38.24 11.12
CA THR A 166 -18.21 38.51 9.96
C THR A 166 -18.17 40.02 9.73
N CYS A 167 -16.96 40.58 9.72
CA CYS A 167 -16.78 42.02 9.58
C CYS A 167 -16.03 42.33 8.28
N GLY A 168 -16.53 43.31 7.54
CA GLY A 168 -15.87 43.77 6.34
C GLY A 168 -14.64 44.60 6.61
N MET A 169 -14.17 45.32 5.60
CA MET A 169 -12.97 46.13 5.73
C MET A 169 -13.31 47.47 6.38
N ALA A 170 -12.35 47.99 7.14
CA ALA A 170 -12.50 49.32 7.72
C ALA A 170 -12.37 50.38 6.63
N SER A 171 -12.74 51.60 6.98
CA SER A 171 -12.70 52.70 6.02
C SER A 171 -12.82 54.03 6.77
N LEU A 172 -12.14 55.04 6.24
CA LEU A 172 -12.21 56.37 6.81
C LEU A 172 -13.51 57.04 6.40
N SER A 173 -14.20 57.64 7.36
CA SER A 173 -15.42 58.39 7.09
C SER A 173 -15.09 59.84 6.80
N ALA A 174 -15.76 60.40 5.78
CA ALA A 174 -15.59 61.82 5.48
C ALA A 174 -15.86 62.68 6.71
N GLU A 175 -16.78 62.25 7.57
CA GLU A 175 -17.12 63.03 8.76
C GLU A 175 -15.96 63.01 9.75
N LYS A 176 -15.42 64.18 10.05
CA LYS A 176 -14.47 64.33 11.14
C LYS A 176 -15.22 64.58 12.44
N VAL A 177 -14.65 64.09 13.54
CA VAL A 177 -15.23 64.22 14.87
C VAL A 177 -14.32 65.13 15.68
N THR A 178 -14.87 66.23 16.19
CA THR A 178 -14.10 67.23 16.90
C THR A 178 -14.19 67.00 18.39
N LEU A 179 -13.03 66.96 19.06
CA LEU A 179 -12.98 66.88 20.52
C LEU A 179 -12.09 67.99 21.09
N ASP A 180 -12.71 68.84 21.89
CA ASP A 180 -12.17 69.97 22.63
C ASP A 180 -11.59 71.13 21.83
N GLN A 181 -10.80 70.85 20.78
CA GLN A 181 -10.56 71.78 19.69
C GLN A 181 -10.18 71.00 18.43
N ARG A 182 -9.80 69.74 18.61
CA ARG A 182 -9.04 68.97 17.63
C ARG A 182 -10.00 68.11 16.82
N ASP A 183 -9.85 68.14 15.51
CA ASP A 183 -10.68 67.34 14.61
C ASP A 183 -9.97 66.02 14.37
N TYR A 184 -10.41 64.98 15.07
CA TYR A 184 -9.87 63.64 14.85
C TYR A 184 -10.67 62.95 13.76
N GLU A 185 -9.98 62.16 12.95
CA GLU A 185 -10.61 61.42 11.87
C GLU A 185 -11.13 60.09 12.39
N LYS A 186 -12.17 59.58 11.74
CA LYS A 186 -12.93 58.44 12.23
C LYS A 186 -12.89 57.33 11.20
N TYR A 187 -12.56 56.13 11.66
CA TYR A 187 -12.60 54.92 10.86
C TYR A 187 -13.79 54.09 11.31
N SER A 188 -14.57 53.59 10.35
CA SER A 188 -15.73 52.78 10.64
C SER A 188 -15.62 51.45 9.91
N VAL A 189 -16.40 50.48 10.37
CA VAL A 189 -16.39 49.14 9.79
C VAL A 189 -17.78 48.54 9.95
N SER A 190 -18.24 47.86 8.91
CA SER A 190 -19.56 47.25 8.91
C SER A 190 -19.42 45.77 9.28
N CYS A 191 -20.22 45.33 10.24
CA CYS A 191 -20.18 43.96 10.73
C CYS A 191 -21.57 43.34 10.67
N GLN A 192 -21.60 42.03 10.47
CA GLN A 192 -22.85 41.26 10.41
C GLN A 192 -22.71 39.99 11.23
N GLU A 193 -23.63 39.76 12.15
CA GLU A 193 -23.69 38.49 12.87
C GLU A 193 -24.30 37.43 11.96
N ASP A 194 -23.76 36.21 12.03
CA ASP A 194 -24.22 35.14 11.15
C ASP A 194 -25.50 34.50 11.68
N VAL A 195 -25.48 34.02 12.93
CA VAL A 195 -26.67 33.50 13.58
C VAL A 195 -27.50 34.66 14.13
N THR A 196 -28.73 34.80 13.63
CA THR A 196 -29.61 35.90 14.03
C THR A 196 -30.99 35.29 14.23
N CYS A 197 -31.47 35.30 15.47
CA CYS A 197 -32.82 34.83 15.83
C CYS A 197 -33.57 35.99 16.47
N PRO A 198 -34.31 36.78 15.68
CA PRO A 198 -34.82 38.06 16.17
C PRO A 198 -35.37 38.12 17.59
N THR A 199 -36.37 37.30 17.93
CA THR A 199 -37.00 37.44 19.23
C THR A 199 -36.22 36.82 20.38
N ALA A 200 -35.22 35.99 20.09
CA ALA A 200 -34.47 35.33 21.15
C ALA A 200 -33.70 36.36 21.97
N GLU A 201 -33.72 36.18 23.29
CA GLU A 201 -32.98 37.08 24.17
C GLU A 201 -31.49 36.79 24.10
N GLU A 202 -30.70 37.86 24.05
CA GLU A 202 -29.25 37.73 23.95
C GLU A 202 -28.67 37.30 25.30
N THR A 203 -28.05 36.12 25.32
CA THR A 203 -27.52 35.56 26.55
C THR A 203 -26.05 35.87 26.77
N LEU A 204 -25.27 35.94 25.69
CA LEU A 204 -23.83 36.13 25.76
C LEU A 204 -23.44 37.28 24.84
N PRO A 205 -22.55 38.16 25.27
CA PRO A 205 -22.25 39.36 24.46
C PRO A 205 -21.36 39.05 23.27
N ILE A 206 -21.42 39.94 22.29
CA ILE A 206 -20.49 39.92 21.15
C ILE A 206 -19.17 40.50 21.62
N GLU A 207 -18.11 39.69 21.58
CA GLU A 207 -16.78 40.11 22.00
C GLU A 207 -15.94 40.36 20.75
N LEU A 208 -15.64 41.62 20.47
CA LEU A 208 -14.88 42.02 19.30
C LEU A 208 -13.49 42.50 19.72
N ALA A 209 -12.57 42.48 18.77
CA ALA A 209 -11.22 42.99 18.99
C ALA A 209 -10.70 43.64 17.70
N LEU A 210 -9.93 44.71 17.88
CA LEU A 210 -9.38 45.49 16.77
C LEU A 210 -7.86 45.52 16.89
N GLU A 211 -7.17 44.95 15.90
CA GLU A 211 -5.72 45.02 15.82
C GLU A 211 -5.33 46.25 15.00
N ALA A 212 -4.67 47.21 15.65
CA ALA A 212 -4.29 48.46 15.01
C ALA A 212 -2.76 48.56 14.96
N ARG A 213 -2.25 48.97 13.79
CA ARG A 213 -0.82 49.09 13.56
C ARG A 213 -0.51 50.44 12.94
N GLN A 214 0.50 51.14 13.50
CA GLN A 214 1.02 52.36 12.88
C GLN A 214 2.52 52.20 12.65
N GLN A 215 2.89 52.08 11.38
CA GLN A 215 4.23 51.92 10.84
C GLN A 215 5.14 50.88 11.49
N ASN A 216 5.10 50.71 12.83
CA ASN A 216 5.69 49.54 13.46
C ASN A 216 5.06 49.24 14.82
N LYS A 217 4.07 50.00 15.25
CA LYS A 217 3.52 49.83 16.60
C LYS A 217 2.28 48.94 16.52
N TYR A 218 2.20 47.96 17.41
CA TYR A 218 1.07 47.04 17.47
C TYR A 218 0.29 47.29 18.75
N GLU A 219 -0.99 47.58 18.62
CA GLU A 219 -1.91 47.74 19.73
C GLU A 219 -3.22 47.07 19.37
N ASN A 220 -3.83 46.36 20.32
CA ASN A 220 -5.14 45.78 20.10
C ASN A 220 -6.12 46.26 21.17
N TYR A 221 -7.38 46.41 20.75
CA TYR A 221 -8.46 46.90 21.58
C TYR A 221 -9.60 45.90 21.58
N SER A 222 -10.34 45.86 22.68
CA SER A 222 -11.44 44.93 22.87
C SER A 222 -12.72 45.68 23.24
N THR A 223 -13.85 45.00 23.03
CA THR A 223 -15.16 45.53 23.37
C THR A 223 -16.18 44.40 23.36
N SER A 224 -17.03 44.36 24.37
CA SER A 224 -18.07 43.34 24.50
C SER A 224 -19.41 44.02 24.70
N PHE A 225 -20.36 43.74 23.81
CA PHE A 225 -21.65 44.41 23.84
C PHE A 225 -22.74 43.46 23.36
N PHE A 226 -23.97 43.71 23.81
CA PHE A 226 -25.17 43.14 23.23
C PHE A 226 -25.71 44.09 22.16
N ILE A 227 -26.29 43.53 21.09
CA ILE A 227 -26.92 44.37 20.09
C ILE A 227 -28.04 45.20 20.72
N ARG A 228 -28.80 44.58 21.63
CA ARG A 228 -29.88 45.29 22.30
C ARG A 228 -29.39 46.56 23.00
N ASP A 229 -28.13 46.59 23.42
CA ASP A 229 -27.57 47.71 24.14
C ASP A 229 -26.97 48.78 23.23
N ILE A 230 -26.90 48.54 21.93
CA ILE A 230 -26.32 49.50 20.99
C ILE A 230 -27.32 49.88 19.90
N ILE A 231 -28.61 49.75 20.18
CA ILE A 231 -29.63 50.13 19.19
C ILE A 231 -29.74 51.65 19.19
N LYS A 232 -29.59 52.24 18.01
CA LYS A 232 -29.79 53.68 17.81
C LYS A 232 -30.62 53.85 16.55
N PRO A 233 -31.94 54.00 16.66
CA PRO A 233 -32.78 54.09 15.47
C PRO A 233 -32.40 55.28 14.61
N ASP A 234 -32.94 55.30 13.41
CA ASP A 234 -32.76 56.45 12.53
C ASP A 234 -33.83 57.48 12.80
N PRO A 235 -33.62 58.72 12.35
CA PRO A 235 -34.63 59.76 12.58
C PRO A 235 -35.97 59.35 11.99
N PRO A 236 -37.08 59.65 12.66
CA PRO A 236 -38.39 59.44 12.03
C PRO A 236 -38.45 60.16 10.69
N LYS A 237 -39.17 59.57 9.76
CA LYS A 237 -39.19 60.03 8.38
C LYS A 237 -40.49 60.77 8.05
N ASN A 238 -40.43 61.57 7.00
CA ASN A 238 -41.56 62.35 6.50
C ASN A 238 -42.31 63.06 7.64
N LEU A 239 -41.59 63.94 8.33
CA LEU A 239 -42.23 64.82 9.31
C LEU A 239 -43.09 65.83 8.57
N GLN A 240 -44.39 65.85 8.89
CA GLN A 240 -45.34 66.75 8.26
C GLN A 240 -45.98 67.66 9.30
N MET A 241 -46.34 68.86 8.86
CA MET A 241 -46.97 69.87 9.70
C MET A 241 -48.31 70.24 9.05
N LYS A 242 -49.38 69.60 9.50
CA LYS A 242 -50.70 69.86 8.97
C LYS A 242 -51.35 70.96 9.79
N PRO A 243 -51.53 72.17 9.26
CA PRO A 243 -52.17 73.23 10.05
C PRO A 243 -53.61 72.88 10.40
N LEU A 244 -53.88 72.79 11.70
CA LEU A 244 -55.18 72.39 12.22
C LEU A 244 -56.05 73.65 12.28
N LYS A 245 -57.15 73.63 13.04
CA LYS A 245 -58.06 74.75 13.05
C LYS A 245 -57.90 75.60 14.31
N ASN A 246 -57.83 76.91 14.10
CA ASN A 246 -57.80 78.00 15.06
C ASN A 246 -56.53 78.22 15.89
N SER A 247 -55.80 77.16 16.23
CA SER A 247 -54.57 77.42 16.98
C SER A 247 -53.53 76.32 16.83
N GLN A 248 -53.98 75.14 16.46
CA GLN A 248 -53.19 73.92 16.54
C GLN A 248 -52.68 73.50 15.17
N VAL A 249 -51.64 72.68 15.21
CA VAL A 249 -51.07 72.07 14.00
C VAL A 249 -50.76 70.62 14.37
N GLU A 250 -51.14 69.70 13.50
CA GLU A 250 -50.89 68.28 13.72
C GLU A 250 -49.56 67.92 13.07
N VAL A 251 -48.59 67.55 13.89
CA VAL A 251 -47.31 67.07 13.41
C VAL A 251 -47.38 65.56 13.32
N SER A 252 -46.95 65.02 12.18
CA SER A 252 -46.97 63.59 11.93
C SER A 252 -45.60 63.13 11.46
N TRP A 253 -45.39 61.82 11.50
CA TRP A 253 -44.14 61.20 11.08
C TRP A 253 -44.38 59.71 10.94
N GLU A 254 -43.34 59.00 10.50
CA GLU A 254 -43.40 57.56 10.31
C GLU A 254 -42.15 56.91 10.87
N TYR A 255 -42.26 55.62 11.18
CA TYR A 255 -41.09 54.86 11.57
C TYR A 255 -40.03 54.93 10.48
N PRO A 256 -38.74 54.84 10.82
CA PRO A 256 -37.71 54.82 9.79
C PRO A 256 -37.70 53.50 9.04
N ASP A 257 -37.54 53.58 7.72
CA ASP A 257 -37.49 52.39 6.90
C ASP A 257 -36.43 51.41 7.39
N SER A 258 -35.35 51.95 7.98
CA SER A 258 -34.32 51.08 8.53
C SER A 258 -34.86 50.20 9.66
N TRP A 259 -35.83 50.68 10.42
CA TRP A 259 -36.16 50.03 11.68
C TRP A 259 -36.84 48.68 11.47
N SER A 260 -36.70 47.81 12.46
CA SER A 260 -37.07 46.41 12.33
C SER A 260 -38.58 46.23 12.16
N THR A 261 -38.94 45.29 11.33
CA THR A 261 -40.31 44.83 11.22
C THR A 261 -40.44 43.46 11.88
N PRO A 262 -41.62 43.10 12.44
CA PRO A 262 -42.86 43.87 12.48
C PRO A 262 -42.92 44.88 13.62
N HIS A 263 -43.47 46.06 13.33
CA HIS A 263 -43.50 47.11 14.33
C HIS A 263 -44.32 46.71 15.56
N SER A 264 -45.29 45.82 15.37
CA SER A 264 -46.11 45.38 16.50
C SER A 264 -45.24 44.82 17.62
N TYR A 265 -44.10 44.25 17.27
CA TYR A 265 -43.14 43.76 18.25
C TYR A 265 -42.08 44.82 18.58
N PHE A 266 -41.51 45.43 17.54
CA PHE A 266 -40.47 46.43 17.70
C PHE A 266 -41.12 47.81 17.68
N SER A 267 -41.62 48.20 18.85
CA SER A 267 -42.37 49.44 18.99
C SER A 267 -41.42 50.55 19.46
N LEU A 268 -41.36 51.63 18.69
CA LEU A 268 -40.61 52.81 19.08
C LEU A 268 -41.52 53.81 19.77
N LYS A 269 -41.01 54.42 20.84
CA LYS A 269 -41.63 55.58 21.45
C LYS A 269 -40.86 56.84 21.05
N PHE A 270 -41.60 57.94 20.88
CA PHE A 270 -41.04 59.18 20.38
C PHE A 270 -41.13 60.28 21.44
N PHE A 271 -40.19 61.22 21.38
CA PHE A 271 -40.19 62.41 22.23
C PHE A 271 -40.28 63.63 21.32
N VAL A 272 -41.31 64.44 21.52
CA VAL A 272 -41.53 65.63 20.72
C VAL A 272 -41.21 66.88 21.55
N ARG A 273 -40.60 67.87 20.89
CA ARG A 273 -40.34 69.15 21.52
C ARG A 273 -40.41 70.25 20.48
N ILE A 274 -40.52 71.49 20.96
CA ILE A 274 -40.55 72.68 20.12
C ILE A 274 -39.50 73.65 20.61
N GLN A 275 -38.70 74.19 19.68
CA GLN A 275 -37.57 75.06 19.99
C GLN A 275 -37.61 76.26 19.07
N ARG A 276 -37.33 77.43 19.64
CA ARG A 276 -37.38 78.70 18.92
C ARG A 276 -36.00 79.13 18.41
N LYS A 277 -35.30 78.24 17.71
CA LYS A 277 -33.98 78.57 17.18
C LYS A 277 -33.78 77.99 15.79
N GLY A 287 -26.33 59.85 22.28
CA GLY A 287 -26.95 59.88 23.58
C GLY A 287 -28.24 60.66 23.59
N CYS A 288 -29.15 60.29 24.49
CA CYS A 288 -30.41 60.98 24.64
C CYS A 288 -30.15 62.23 25.46
N ASN A 289 -30.36 63.40 24.87
CA ASN A 289 -30.08 64.67 25.53
C ASN A 289 -31.42 65.37 25.73
N GLN A 290 -31.82 65.50 26.99
CA GLN A 290 -33.16 65.92 27.34
C GLN A 290 -33.17 67.24 28.09
N LYS A 291 -33.50 68.33 27.38
CA LYS A 291 -33.78 69.60 28.02
C LYS A 291 -35.27 69.89 27.83
N GLY A 292 -36.10 68.90 28.11
CA GLY A 292 -37.54 69.05 27.98
C GLY A 292 -38.11 68.47 26.70
N ALA A 293 -39.02 67.50 26.86
CA ALA A 293 -39.74 66.90 25.75
C ALA A 293 -40.83 66.01 26.34
N PHE A 294 -41.99 65.98 25.69
CA PHE A 294 -43.13 65.21 26.18
C PHE A 294 -43.30 63.96 25.33
N LEU A 295 -43.52 62.84 26.03
CA LEU A 295 -43.58 61.53 25.39
C LEU A 295 -44.87 61.32 24.60
N VAL A 296 -44.72 60.75 23.41
CA VAL A 296 -45.85 60.33 22.57
C VAL A 296 -45.47 59.01 21.91
N GLU A 297 -46.38 58.03 22.00
CA GLU A 297 -46.15 56.72 21.39
C GLU A 297 -46.80 56.59 20.02
N LYS A 298 -47.80 57.42 19.72
CA LYS A 298 -48.39 57.47 18.39
C LYS A 298 -47.46 58.23 17.43
N THR A 299 -47.77 58.14 16.14
CA THR A 299 -46.97 58.76 15.10
C THR A 299 -47.43 60.18 14.73
N SER A 300 -48.26 60.80 15.56
CA SER A 300 -48.73 62.15 15.26
C SER A 300 -49.20 62.78 16.57
N THR A 301 -49.14 64.11 16.63
CA THR A 301 -49.57 64.83 17.81
C THR A 301 -49.91 66.26 17.44
N GLU A 302 -50.89 66.82 18.15
CA GLU A 302 -51.26 68.21 17.99
C GLU A 302 -50.42 69.09 18.92
N VAL A 303 -49.99 70.24 18.40
CA VAL A 303 -49.14 71.16 19.14
C VAL A 303 -49.50 72.58 18.73
N GLN A 304 -49.20 73.53 19.62
CA GLN A 304 -49.46 74.95 19.44
C GLN A 304 -48.12 75.67 19.56
N CYS A 305 -47.46 75.93 18.44
CA CYS A 305 -46.13 76.52 18.45
C CYS A 305 -46.10 77.93 17.86
N LYS A 306 -46.74 78.14 16.71
CA LYS A 306 -46.83 79.46 16.09
C LYS A 306 -45.47 80.14 16.05
N GLY A 307 -44.58 79.53 15.27
CA GLY A 307 -43.20 79.99 15.18
C GLY A 307 -42.28 79.12 15.99
N GLY A 308 -41.09 78.86 15.47
CA GLY A 308 -40.16 77.92 16.05
C GLY A 308 -40.00 76.69 15.19
N ASN A 309 -39.50 75.62 15.81
CA ASN A 309 -39.28 74.36 15.11
C ASN A 309 -39.78 73.21 15.98
N VAL A 310 -40.50 72.29 15.37
CA VAL A 310 -40.97 71.08 16.03
C VAL A 310 -40.02 69.95 15.68
N CYS A 311 -39.55 69.24 16.70
CA CYS A 311 -38.55 68.19 16.53
C CYS A 311 -39.03 66.90 17.19
N VAL A 312 -38.56 65.78 16.67
CA VAL A 312 -38.97 64.46 17.14
C VAL A 312 -37.78 63.52 17.08
N GLN A 313 -37.56 62.75 18.14
CA GLN A 313 -36.56 61.69 18.16
C GLN A 313 -37.24 60.40 18.58
N ALA A 314 -36.68 59.28 18.14
CA ALA A 314 -37.24 57.96 18.39
C ALA A 314 -36.36 57.20 19.38
N GLN A 315 -36.98 56.28 20.12
CA GLN A 315 -36.28 55.41 21.04
C GLN A 315 -36.99 54.06 21.10
N ASP A 316 -36.22 53.00 21.34
CA ASP A 316 -36.80 51.69 21.58
C ASP A 316 -37.71 51.73 22.81
N ARG A 317 -38.95 51.29 22.64
CA ARG A 317 -39.92 51.39 23.72
C ARG A 317 -39.52 50.51 24.91
N TYR A 318 -39.17 49.25 24.65
CA TYR A 318 -39.02 48.26 25.70
C TYR A 318 -37.61 48.20 26.28
N TYR A 319 -36.70 49.05 25.82
CA TYR A 319 -35.33 49.05 26.30
C TYR A 319 -34.80 50.48 26.29
N ASN A 320 -33.92 50.78 27.24
CA ASN A 320 -33.30 52.11 27.34
C ASN A 320 -32.16 52.25 26.33
N SER A 321 -32.53 52.11 25.06
CA SER A 321 -31.56 52.26 23.98
C SER A 321 -31.32 53.73 23.67
N SER A 322 -30.21 53.99 22.98
CA SER A 322 -29.87 55.35 22.60
C SER A 322 -30.91 55.91 21.64
N CYS A 323 -31.24 57.18 21.82
CA CYS A 323 -32.25 57.81 20.98
C CYS A 323 -31.66 58.17 19.62
N SER A 324 -32.54 58.26 18.63
CA SER A 324 -32.14 58.64 17.28
C SER A 324 -31.90 60.14 17.21
N LYS A 325 -31.31 60.58 16.10
CA LYS A 325 -31.12 62.00 15.90
C LYS A 325 -32.46 62.69 15.63
N TRP A 326 -32.53 63.95 16.05
CA TRP A 326 -33.77 64.71 15.92
C TRP A 326 -34.05 65.02 14.46
N ALA A 327 -35.30 64.80 14.05
CA ALA A 327 -35.82 65.27 12.78
C ALA A 327 -36.74 66.45 13.05
N CYS A 328 -36.53 67.56 12.34
CA CYS A 328 -37.17 68.83 12.67
C CYS A 328 -37.81 69.45 11.44
N VAL A 329 -38.93 70.14 11.67
CA VAL A 329 -39.60 70.92 10.64
C VAL A 329 -39.94 72.30 11.22
N PRO A 330 -39.85 73.37 10.44
CA PRO A 330 -40.16 74.70 10.99
C PRO A 330 -41.65 74.88 11.23
N CYS A 331 -41.98 75.48 12.37
CA CYS A 331 -43.37 75.76 12.73
C CYS A 331 -43.87 76.98 11.96
N ARG A 332 -44.75 76.75 10.99
CA ARG A 332 -45.28 77.84 10.17
C ARG A 332 -46.72 77.54 9.75
N MET B 23 -9.32 -42.35 -10.40
CA MET B 23 -8.18 -42.03 -11.24
C MET B 23 -7.20 -41.14 -10.50
N TRP B 24 -6.11 -40.80 -11.19
CA TRP B 24 -5.09 -39.91 -10.66
C TRP B 24 -4.41 -39.20 -11.83
N GLU B 25 -4.00 -37.97 -11.58
CA GLU B 25 -3.46 -37.13 -12.65
C GLU B 25 -2.00 -37.47 -12.93
N LEU B 26 -1.63 -37.37 -14.21
CA LEU B 26 -0.24 -37.49 -14.65
C LEU B 26 0.33 -36.16 -15.09
N GLU B 27 -0.36 -35.44 -15.97
CA GLU B 27 0.05 -34.12 -16.40
C GLU B 27 -1.19 -33.33 -16.80
N LYS B 28 -0.97 -32.11 -17.29
CA LYS B 28 -2.06 -31.23 -17.69
C LYS B 28 -3.01 -31.91 -18.66
N ASP B 29 -4.27 -32.08 -18.25
CA ASP B 29 -5.32 -32.64 -19.10
C ASP B 29 -5.05 -34.08 -19.48
N VAL B 30 -4.38 -34.82 -18.60
CA VAL B 30 -4.06 -36.23 -18.82
C VAL B 30 -4.19 -36.96 -17.51
N TYR B 31 -5.05 -37.98 -17.46
CA TYR B 31 -5.35 -38.70 -16.24
C TYR B 31 -5.23 -40.20 -16.49
N VAL B 32 -5.11 -40.94 -15.40
CA VAL B 32 -4.86 -42.38 -15.45
C VAL B 32 -5.89 -43.08 -14.57
N VAL B 33 -6.59 -44.05 -15.14
CA VAL B 33 -7.65 -44.77 -14.44
C VAL B 33 -7.12 -46.16 -14.10
N GLU B 34 -7.13 -46.49 -12.81
CA GLU B 34 -6.77 -47.83 -12.35
C GLU B 34 -7.96 -48.75 -12.60
N VAL B 35 -7.79 -49.69 -13.53
CA VAL B 35 -8.87 -50.55 -14.00
C VAL B 35 -8.56 -51.99 -13.61
N ASP B 36 -9.55 -52.67 -13.05
CA ASP B 36 -9.49 -54.11 -12.81
C ASP B 36 -9.99 -54.84 -14.05
N TRP B 37 -9.09 -55.56 -14.72
CA TRP B 37 -9.39 -56.12 -16.04
C TRP B 37 -10.22 -57.39 -15.98
N THR B 38 -10.31 -58.03 -14.81
CA THR B 38 -11.11 -59.24 -14.67
C THR B 38 -12.53 -58.98 -15.14
N PRO B 39 -13.11 -59.85 -15.98
CA PRO B 39 -14.37 -59.50 -16.67
C PRO B 39 -15.60 -59.49 -15.78
N ASP B 40 -15.59 -60.17 -14.63
CA ASP B 40 -16.77 -60.20 -13.77
C ASP B 40 -16.88 -58.97 -12.87
N ALA B 41 -15.83 -58.17 -12.77
CA ALA B 41 -15.88 -56.98 -11.93
C ALA B 41 -16.35 -55.78 -12.75
N PRO B 42 -17.17 -54.90 -12.18
CA PRO B 42 -17.64 -53.74 -12.94
C PRO B 42 -16.57 -52.66 -13.02
N GLY B 43 -16.77 -51.75 -13.98
CA GLY B 43 -15.82 -50.68 -14.20
C GLY B 43 -15.93 -49.59 -13.14
N GLU B 44 -15.10 -48.56 -13.31
CA GLU B 44 -15.02 -47.45 -12.38
C GLU B 44 -15.68 -46.21 -12.97
N THR B 45 -16.59 -45.60 -12.21
CA THR B 45 -17.23 -44.36 -12.61
C THR B 45 -16.35 -43.18 -12.21
N VAL B 46 -16.24 -42.21 -13.11
CA VAL B 46 -15.33 -41.08 -12.95
C VAL B 46 -16.01 -39.80 -13.43
N ASN B 47 -15.81 -38.71 -12.67
CA ASN B 47 -16.33 -37.40 -13.05
C ASN B 47 -15.27 -36.65 -13.85
N LEU B 48 -15.68 -36.06 -14.97
CA LEU B 48 -14.85 -35.16 -15.77
C LEU B 48 -15.56 -33.82 -15.91
N THR B 49 -15.03 -32.79 -15.27
CA THR B 49 -15.61 -31.46 -15.30
C THR B 49 -14.86 -30.58 -16.29
N CYS B 50 -15.61 -29.79 -17.06
CA CYS B 50 -15.03 -28.91 -18.06
C CYS B 50 -14.45 -27.68 -17.37
N ASP B 51 -13.20 -27.35 -17.72
CA ASP B 51 -12.48 -26.25 -17.07
C ASP B 51 -12.83 -24.91 -17.74
N THR B 52 -14.06 -24.48 -17.49
CA THR B 52 -14.60 -23.26 -18.09
C THR B 52 -15.58 -22.63 -17.12
N PRO B 53 -15.69 -21.30 -17.10
CA PRO B 53 -16.71 -20.68 -16.25
C PRO B 53 -18.11 -21.10 -16.62
N GLU B 54 -18.37 -21.30 -17.91
CA GLU B 54 -19.73 -21.60 -18.37
C GLU B 54 -20.20 -22.95 -17.83
N GLU B 55 -21.52 -23.06 -17.65
CA GLU B 55 -22.14 -24.29 -17.17
C GLU B 55 -23.45 -24.62 -17.90
N ASP B 56 -23.67 -24.06 -19.09
CA ASP B 56 -24.87 -24.32 -19.87
C ASP B 56 -24.51 -24.42 -21.35
N ASP B 57 -25.21 -25.31 -22.07
CA ASP B 57 -24.93 -25.58 -23.47
C ASP B 57 -23.62 -26.34 -23.64
N ILE B 58 -23.29 -27.19 -22.67
CA ILE B 58 -22.03 -27.92 -22.63
C ILE B 58 -22.28 -29.34 -23.12
N THR B 59 -21.51 -29.75 -24.14
CA THR B 59 -21.58 -31.11 -24.67
C THR B 59 -20.17 -31.68 -24.80
N TRP B 60 -20.09 -33.00 -24.89
CA TRP B 60 -18.83 -33.73 -24.92
C TRP B 60 -18.73 -34.55 -26.20
N THR B 61 -17.55 -34.58 -26.80
CA THR B 61 -17.25 -35.39 -27.97
C THR B 61 -15.98 -36.18 -27.72
N SER B 62 -16.04 -37.50 -27.91
CA SER B 62 -14.89 -38.37 -27.77
C SER B 62 -14.25 -38.61 -29.13
N ASP B 63 -12.96 -38.93 -29.11
CA ASP B 63 -12.30 -39.35 -30.33
C ASP B 63 -12.69 -40.78 -30.69
N GLN B 64 -12.83 -41.64 -29.68
CA GLN B 64 -13.20 -43.03 -29.94
C GLN B 64 -14.57 -43.13 -30.59
N ARG B 65 -15.50 -42.26 -30.20
CA ARG B 65 -16.90 -42.34 -30.59
C ARG B 65 -17.35 -41.04 -31.26
N HIS B 66 -17.91 -41.15 -32.45
CA HIS B 66 -18.54 -40.00 -33.08
C HIS B 66 -19.80 -39.59 -32.32
N GLY B 67 -20.06 -38.29 -32.30
CA GLY B 67 -21.27 -37.77 -31.70
C GLY B 67 -21.09 -37.37 -30.26
N VAL B 68 -22.17 -36.87 -29.69
CA VAL B 68 -22.18 -36.45 -28.29
C VAL B 68 -22.42 -37.65 -27.39
N ILE B 69 -21.74 -37.66 -26.25
CA ILE B 69 -21.86 -38.73 -25.28
C ILE B 69 -22.56 -38.25 -24.00
N GLY B 70 -22.25 -37.04 -23.57
CA GLY B 70 -22.85 -36.51 -22.35
C GLY B 70 -23.05 -35.01 -22.47
N SER B 71 -24.00 -34.52 -21.70
CA SER B 71 -24.28 -33.10 -21.59
C SER B 71 -24.10 -32.66 -20.14
N GLY B 72 -23.80 -31.38 -19.95
CA GLY B 72 -23.57 -30.82 -18.64
C GLY B 72 -22.09 -30.63 -18.34
N LYS B 73 -21.82 -29.72 -17.39
CA LYS B 73 -20.44 -29.39 -17.08
C LYS B 73 -19.72 -30.60 -16.50
N THR B 74 -20.38 -31.37 -15.65
CA THR B 74 -19.79 -32.55 -15.03
C THR B 74 -20.34 -33.78 -15.73
N LEU B 75 -19.45 -34.50 -16.43
CA LEU B 75 -19.80 -35.72 -17.13
C LEU B 75 -19.24 -36.90 -16.34
N THR B 76 -20.14 -37.78 -15.91
CA THR B 76 -19.78 -38.95 -15.12
C THR B 76 -19.86 -40.18 -16.01
N ILE B 77 -18.73 -40.86 -16.21
CA ILE B 77 -18.63 -41.96 -17.16
C ILE B 77 -18.01 -43.17 -16.49
N THR B 78 -18.51 -44.35 -16.85
CA THR B 78 -17.91 -45.62 -16.43
C THR B 78 -16.88 -46.05 -17.46
N VAL B 79 -15.74 -46.54 -16.98
CA VAL B 79 -14.62 -46.92 -17.83
C VAL B 79 -14.23 -48.35 -17.47
N LYS B 80 -14.30 -49.25 -18.45
CA LYS B 80 -13.77 -50.59 -18.31
C LYS B 80 -12.98 -51.07 -19.51
N GLU B 81 -13.19 -50.51 -20.70
CA GLU B 81 -12.46 -50.88 -21.90
C GLU B 81 -11.77 -49.64 -22.48
N PHE B 82 -10.77 -49.89 -23.34
CA PHE B 82 -10.02 -48.80 -23.93
C PHE B 82 -10.90 -47.92 -24.82
N LEU B 83 -11.98 -48.48 -25.37
CA LEU B 83 -12.92 -47.67 -26.14
C LEU B 83 -13.55 -46.58 -25.28
N ASP B 84 -13.55 -46.74 -23.96
CA ASP B 84 -14.05 -45.74 -23.03
C ASP B 84 -12.97 -44.73 -22.63
N ALA B 85 -11.88 -44.67 -23.37
CA ALA B 85 -10.75 -43.79 -23.09
C ALA B 85 -10.57 -42.83 -24.25
N GLY B 86 -9.49 -42.07 -24.20
CA GLY B 86 -9.13 -41.14 -25.26
C GLY B 86 -9.31 -39.70 -24.86
N GLN B 87 -9.46 -38.85 -25.87
CA GLN B 87 -9.53 -37.40 -25.69
C GLN B 87 -11.00 -36.97 -25.68
N TYR B 88 -11.54 -36.75 -24.48
CA TYR B 88 -12.87 -36.16 -24.35
C TYR B 88 -12.73 -34.64 -24.42
N THR B 89 -13.42 -34.02 -25.39
CA THR B 89 -13.35 -32.59 -25.62
C THR B 89 -14.74 -31.98 -25.50
N CYS B 90 -14.82 -30.85 -24.80
CA CYS B 90 -16.08 -30.15 -24.63
C CYS B 90 -16.52 -29.48 -25.93
N HIS B 91 -17.73 -28.92 -25.92
CA HIS B 91 -18.26 -28.21 -27.08
C HIS B 91 -19.41 -27.31 -26.64
N LYS B 92 -19.34 -26.04 -27.06
CA LYS B 92 -20.42 -25.08 -26.81
C LYS B 92 -20.50 -24.14 -28.00
N GLY B 93 -21.72 -23.86 -28.44
CA GLY B 93 -21.95 -22.94 -29.54
C GLY B 93 -21.15 -23.24 -30.79
N GLY B 94 -20.76 -24.50 -30.95
CA GLY B 94 -19.98 -24.91 -32.10
C GLY B 94 -18.48 -24.80 -31.93
N GLU B 95 -17.99 -24.50 -30.74
CA GLU B 95 -16.58 -24.31 -30.48
C GLU B 95 -16.12 -25.18 -29.32
N THR B 96 -14.90 -25.68 -29.42
CA THR B 96 -14.32 -26.51 -28.37
C THR B 96 -13.85 -25.64 -27.21
N LEU B 97 -14.10 -26.11 -25.99
CA LEU B 97 -13.71 -25.38 -24.78
C LEU B 97 -12.43 -25.92 -24.17
N SER B 98 -12.44 -27.20 -23.77
CA SER B 98 -11.29 -27.81 -23.12
C SER B 98 -11.35 -29.32 -23.38
N HIS B 99 -10.18 -29.96 -23.35
CA HIS B 99 -10.05 -31.37 -23.62
C HIS B 99 -9.44 -32.08 -22.42
N SER B 100 -9.72 -33.39 -22.33
CA SER B 100 -9.19 -34.22 -21.25
C SER B 100 -8.92 -35.61 -21.81
N HIS B 101 -7.69 -36.09 -21.62
CA HIS B 101 -7.26 -37.38 -22.14
C HIS B 101 -7.16 -38.39 -21.01
N LEU B 102 -7.68 -39.59 -21.24
CA LEU B 102 -7.72 -40.65 -20.23
C LEU B 102 -6.84 -41.82 -20.65
N LEU B 103 -6.27 -42.49 -19.65
CA LEU B 103 -5.42 -43.65 -19.86
C LEU B 103 -5.83 -44.76 -18.89
N LEU B 104 -5.54 -45.99 -19.28
CA LEU B 104 -5.90 -47.17 -18.50
C LEU B 104 -4.64 -47.88 -18.03
N HIS B 105 -4.67 -48.32 -16.77
CA HIS B 105 -3.62 -49.16 -16.19
C HIS B 105 -4.26 -50.49 -15.82
N LYS B 106 -4.06 -51.51 -16.64
CA LYS B 106 -4.72 -52.78 -16.40
C LYS B 106 -4.21 -53.43 -15.11
N LYS B 107 -5.08 -54.24 -14.51
CA LYS B 107 -4.75 -54.92 -13.25
C LYS B 107 -5.55 -56.22 -13.22
N GLU B 108 -4.86 -57.34 -13.42
CA GLU B 108 -5.48 -58.65 -13.51
C GLU B 108 -5.02 -59.50 -12.34
N ASN B 109 -5.97 -60.09 -11.61
CA ASN B 109 -5.68 -60.84 -10.39
C ASN B 109 -4.73 -60.06 -9.49
N GLY B 110 -5.02 -58.78 -9.32
CA GLY B 110 -4.17 -57.92 -8.52
C GLY B 110 -2.74 -57.86 -9.00
N ILE B 111 -2.53 -57.94 -10.32
CA ILE B 111 -1.20 -57.86 -10.91
C ILE B 111 -1.25 -56.81 -12.01
N TRP B 112 -0.32 -55.86 -11.98
CA TRP B 112 -0.30 -54.80 -12.97
C TRP B 112 0.25 -55.29 -14.29
N SER B 113 -0.32 -54.81 -15.38
CA SER B 113 0.02 -55.31 -16.71
C SER B 113 1.44 -54.91 -17.09
N THR B 114 2.09 -55.80 -17.85
CA THR B 114 3.45 -55.62 -18.33
C THR B 114 3.55 -55.97 -19.80
N GLU B 115 2.58 -55.50 -20.60
CA GLU B 115 2.41 -55.96 -21.97
C GLU B 115 3.07 -55.08 -23.01
N ILE B 116 3.50 -53.87 -22.64
CA ILE B 116 4.12 -52.98 -23.62
C ILE B 116 5.53 -53.46 -23.95
N LEU B 117 6.30 -53.81 -22.93
CA LEU B 117 7.71 -54.14 -23.08
C LEU B 117 7.89 -55.65 -23.30
N LYS B 118 9.01 -56.00 -23.94
CA LYS B 118 9.47 -57.37 -24.05
C LYS B 118 10.59 -57.60 -23.06
N ASN B 119 10.47 -58.64 -22.25
CA ASN B 119 11.48 -58.93 -21.23
C ASN B 119 12.73 -59.54 -21.86
N PHE B 120 13.84 -59.42 -21.11
CA PHE B 120 15.10 -60.01 -21.52
C PHE B 120 15.17 -61.47 -21.07
N LYS B 121 16.26 -62.15 -21.44
CA LYS B 121 16.44 -63.54 -21.03
C LYS B 121 16.31 -63.68 -19.52
N ASN B 122 16.78 -62.68 -18.76
CA ASN B 122 16.76 -62.75 -17.31
C ASN B 122 15.38 -62.50 -16.71
N LYS B 123 14.36 -62.27 -17.54
CA LYS B 123 12.97 -62.01 -17.18
C LYS B 123 12.80 -60.56 -16.73
N THR B 124 13.88 -59.78 -16.67
CA THR B 124 13.80 -58.36 -16.33
C THR B 124 13.49 -57.53 -17.57
N PHE B 125 12.96 -56.33 -17.34
CA PHE B 125 12.56 -55.44 -18.42
C PHE B 125 13.52 -54.28 -18.65
N LEU B 126 14.28 -53.88 -17.64
CA LEU B 126 15.15 -52.71 -17.70
C LEU B 126 16.58 -53.15 -17.42
N LYS B 127 17.38 -53.31 -18.47
CA LYS B 127 18.79 -53.66 -18.33
C LYS B 127 19.62 -52.37 -18.26
N CYS B 128 20.32 -52.18 -17.16
CA CYS B 128 21.08 -50.97 -16.92
C CYS B 128 22.55 -51.31 -16.72
N GLU B 129 23.41 -50.54 -17.38
CA GLU B 129 24.85 -50.80 -17.39
C GLU B 129 25.61 -49.47 -17.31
N ALA B 130 26.81 -49.52 -16.74
CA ALA B 130 27.63 -48.34 -16.52
C ALA B 130 29.05 -48.63 -16.99
N PRO B 131 29.59 -47.87 -17.95
CA PRO B 131 30.96 -48.13 -18.41
C PRO B 131 32.05 -47.66 -17.45
N ASN B 132 31.70 -47.04 -16.33
CA ASN B 132 32.67 -46.56 -15.36
C ASN B 132 31.92 -46.18 -14.09
N TYR B 133 32.66 -45.71 -13.09
CA TYR B 133 32.10 -45.30 -11.81
C TYR B 133 31.77 -43.81 -11.76
N SER B 134 31.71 -43.14 -12.92
CA SER B 134 31.49 -41.70 -12.97
C SER B 134 30.09 -41.28 -12.53
N GLY B 135 29.24 -42.23 -12.13
CA GLY B 135 27.85 -41.95 -11.87
C GLY B 135 26.96 -41.99 -13.08
N ARG B 136 27.53 -41.89 -14.28
CA ARG B 136 26.74 -41.99 -15.50
C ARG B 136 26.46 -43.44 -15.84
N PHE B 137 25.26 -43.70 -16.33
CA PHE B 137 24.87 -45.04 -16.75
C PHE B 137 23.75 -44.92 -17.78
N THR B 138 23.39 -46.06 -18.37
CA THR B 138 22.36 -46.13 -19.40
C THR B 138 21.47 -47.33 -19.15
N CYS B 139 20.16 -47.15 -19.32
CA CYS B 139 19.18 -48.22 -19.19
C CYS B 139 18.48 -48.47 -20.52
N SER B 140 18.32 -49.74 -20.87
CA SER B 140 17.70 -50.14 -22.12
C SER B 140 16.54 -51.08 -21.86
N TRP B 141 15.63 -51.15 -22.82
CA TRP B 141 14.47 -52.03 -22.74
C TRP B 141 14.01 -52.34 -24.14
N LEU B 142 13.24 -53.43 -24.27
CA LEU B 142 12.71 -53.87 -25.54
C LEU B 142 11.21 -53.64 -25.60
N VAL B 143 10.72 -53.34 -26.80
CA VAL B 143 9.32 -53.05 -27.03
C VAL B 143 8.70 -54.20 -27.79
N GLN B 144 7.44 -54.51 -27.47
CA GLN B 144 6.71 -55.54 -28.21
C GLN B 144 6.37 -55.05 -29.61
N ARG B 145 5.82 -53.85 -29.71
CA ARG B 145 5.60 -53.20 -31.00
C ARG B 145 6.01 -51.74 -30.86
N ASN B 146 6.26 -51.09 -31.99
CA ASN B 146 6.69 -49.70 -32.03
C ASN B 146 5.67 -48.92 -32.84
N MET B 147 4.61 -48.47 -32.17
CA MET B 147 3.57 -47.65 -32.78
C MET B 147 3.02 -46.73 -31.70
N ASP B 148 3.26 -45.43 -31.82
CA ASP B 148 2.71 -44.44 -30.91
C ASP B 148 3.08 -44.76 -29.45
N LEU B 149 4.37 -44.70 -29.17
CA LEU B 149 4.91 -44.92 -27.83
C LEU B 149 5.47 -43.63 -27.26
N LYS B 150 5.28 -43.43 -25.95
CA LYS B 150 5.86 -42.32 -25.21
C LYS B 150 6.50 -42.86 -23.95
N PHE B 151 7.75 -42.44 -23.68
CA PHE B 151 8.53 -42.96 -22.58
C PHE B 151 8.99 -41.82 -21.68
N ASN B 152 8.83 -42.00 -20.37
CA ASN B 152 9.32 -41.08 -19.35
C ASN B 152 9.98 -41.90 -18.25
N ILE B 153 11.00 -41.32 -17.64
CA ILE B 153 11.80 -42.03 -16.65
C ILE B 153 12.20 -41.05 -15.56
N LYS B 154 12.12 -41.50 -14.31
CA LYS B 154 12.39 -40.63 -13.18
C LYS B 154 12.76 -41.49 -11.98
N SER B 155 13.46 -40.86 -11.03
CA SER B 155 13.80 -41.53 -9.78
C SER B 155 12.52 -41.88 -9.02
N SER B 156 12.39 -43.16 -8.65
CA SER B 156 11.16 -43.63 -8.03
C SER B 156 11.07 -43.33 -6.54
N SER B 157 12.16 -42.90 -5.90
CA SER B 157 12.12 -42.55 -4.49
C SER B 157 11.97 -41.04 -4.29
N SER B 158 12.90 -40.26 -4.84
CA SER B 158 12.84 -38.80 -4.83
C SER B 158 12.41 -38.25 -3.47
N SER B 159 13.21 -38.56 -2.46
CA SER B 159 12.97 -38.08 -1.10
C SER B 159 14.31 -38.02 -0.38
N PRO B 160 14.38 -37.31 0.74
CA PRO B 160 15.59 -37.37 1.57
C PRO B 160 15.98 -38.82 1.83
N ASP B 161 17.29 -39.08 1.86
CA ASP B 161 17.82 -40.44 1.94
C ASP B 161 17.53 -41.22 0.66
N SER B 162 17.71 -40.56 -0.48
CA SER B 162 17.56 -41.17 -1.79
C SER B 162 18.69 -40.68 -2.67
N ARG B 163 18.71 -41.12 -3.93
CA ARG B 163 19.80 -40.84 -4.85
C ARG B 163 19.26 -39.98 -5.99
N ALA B 164 19.79 -38.77 -6.12
CA ALA B 164 19.36 -37.85 -7.15
C ALA B 164 19.89 -38.31 -8.50
N VAL B 165 18.98 -38.57 -9.43
CA VAL B 165 19.33 -39.03 -10.77
C VAL B 165 18.62 -38.14 -11.79
N THR B 166 19.37 -37.68 -12.79
CA THR B 166 18.83 -36.92 -13.91
C THR B 166 18.98 -37.74 -15.17
N CYS B 167 17.86 -38.01 -15.84
CA CYS B 167 17.84 -38.85 -17.03
C CYS B 167 17.37 -38.04 -18.23
N GLY B 168 18.10 -38.16 -19.34
CA GLY B 168 17.74 -37.52 -20.59
C GLY B 168 16.58 -38.24 -21.24
N MET B 169 16.37 -37.93 -22.52
CA MET B 169 15.28 -38.54 -23.27
C MET B 169 15.67 -39.92 -23.79
N ALA B 170 14.68 -40.80 -23.88
CA ALA B 170 14.89 -42.12 -24.47
C ALA B 170 15.11 -41.99 -25.98
N SER B 171 15.57 -43.08 -26.59
CA SER B 171 15.87 -43.07 -28.01
C SER B 171 15.94 -44.49 -28.53
N LEU B 172 15.46 -44.68 -29.76
CA LEU B 172 15.49 -45.98 -30.41
C LEU B 172 16.87 -46.27 -30.96
N SER B 173 17.37 -47.48 -30.69
CA SER B 173 18.65 -47.93 -31.24
C SER B 173 18.40 -48.62 -32.57
N ALA B 174 19.22 -48.29 -33.58
CA ALA B 174 19.13 -48.95 -34.87
C ALA B 174 19.24 -50.46 -34.73
N GLU B 175 20.04 -50.92 -33.78
CA GLU B 175 20.25 -52.35 -33.57
C GLU B 175 18.98 -52.99 -33.04
N LYS B 176 18.45 -53.96 -33.78
CA LYS B 176 17.39 -54.79 -33.27
C LYS B 176 18.00 -55.91 -32.44
N VAL B 177 17.26 -56.35 -31.42
CA VAL B 177 17.69 -57.42 -30.54
C VAL B 177 16.76 -58.59 -30.78
N THR B 178 17.33 -59.72 -31.18
CA THR B 178 16.54 -60.88 -31.56
C THR B 178 16.42 -61.80 -30.36
N LEU B 179 15.17 -62.19 -30.05
CA LEU B 179 14.93 -63.19 -29.00
C LEU B 179 14.10 -64.34 -29.56
N ASP B 180 14.74 -65.49 -29.61
CA ASP B 180 14.28 -66.79 -30.05
C ASP B 180 13.94 -66.96 -31.51
N GLN B 181 13.24 -66.00 -32.13
CA GLN B 181 13.19 -65.81 -33.57
C GLN B 181 12.92 -64.34 -33.91
N ARG B 182 12.43 -63.60 -32.93
CA ARG B 182 11.73 -62.33 -33.14
C ARG B 182 12.69 -61.18 -32.89
N ASP B 183 12.69 -60.22 -33.82
CA ASP B 183 13.52 -59.04 -33.71
C ASP B 183 12.72 -57.96 -33.01
N TYR B 184 12.97 -57.78 -31.72
CA TYR B 184 12.38 -56.69 -30.96
C TYR B 184 13.31 -55.49 -31.02
N GLU B 185 12.72 -54.29 -31.06
CA GLU B 185 13.50 -53.06 -31.09
C GLU B 185 13.83 -52.64 -29.66
N LYS B 186 14.94 -51.92 -29.51
CA LYS B 186 15.48 -51.59 -28.20
C LYS B 186 15.51 -50.09 -28.03
N TYR B 187 14.98 -49.62 -26.90
CA TYR B 187 15.02 -48.22 -26.52
C TYR B 187 16.01 -48.07 -25.37
N SER B 188 16.88 -47.07 -25.47
CA SER B 188 17.89 -46.79 -24.45
C SER B 188 17.77 -45.34 -24.01
N VAL B 189 18.33 -45.06 -22.82
CA VAL B 189 18.27 -43.72 -22.24
C VAL B 189 19.52 -43.49 -21.40
N SER B 190 20.06 -42.29 -21.48
CA SER B 190 21.28 -41.93 -20.77
C SER B 190 20.92 -41.21 -19.47
N CYS B 191 21.50 -41.68 -18.36
CA CYS B 191 21.24 -41.15 -17.03
C CYS B 191 22.54 -40.79 -16.35
N GLN B 192 22.48 -39.76 -15.49
CA GLN B 192 23.62 -39.30 -14.73
C GLN B 192 23.21 -39.09 -13.27
N GLU B 193 23.93 -39.71 -12.35
CA GLU B 193 23.73 -39.43 -10.94
C GLU B 193 24.38 -38.10 -10.60
N ASP B 194 23.69 -37.30 -9.78
CA ASP B 194 24.20 -35.97 -9.45
C ASP B 194 25.24 -36.04 -8.33
N VAL B 195 24.88 -36.66 -7.21
CA VAL B 195 25.82 -36.88 -6.11
C VAL B 195 26.70 -38.08 -6.44
N THR B 196 28.01 -37.85 -6.55
CA THR B 196 28.97 -38.89 -6.89
C THR B 196 30.20 -38.67 -6.01
N CYS B 197 30.46 -39.60 -5.09
CA CYS B 197 31.66 -39.61 -4.26
C CYS B 197 32.37 -40.92 -4.58
N PRO B 198 33.29 -40.92 -5.57
CA PRO B 198 33.79 -42.18 -6.15
C PRO B 198 34.12 -43.32 -5.19
N THR B 199 35.00 -43.11 -4.23
CA THR B 199 35.47 -44.21 -3.38
C THR B 199 34.47 -44.60 -2.30
N ALA B 200 33.44 -43.79 -2.06
CA ALA B 200 32.48 -44.10 -1.02
C ALA B 200 31.69 -45.35 -1.39
N GLU B 201 31.48 -46.23 -0.41
CA GLU B 201 30.69 -47.43 -0.64
C GLU B 201 29.21 -47.09 -0.74
N GLU B 202 28.55 -47.71 -1.70
CA GLU B 202 27.14 -47.45 -1.97
C GLU B 202 26.28 -48.07 -0.87
N THR B 203 25.54 -47.22 -0.14
CA THR B 203 24.73 -47.69 0.97
C THR B 203 23.28 -47.96 0.56
N LEU B 204 22.73 -47.14 -0.34
CA LEU B 204 21.34 -47.26 -0.75
C LEU B 204 21.26 -47.29 -2.27
N PRO B 205 20.45 -48.17 -2.84
CA PRO B 205 20.46 -48.35 -4.30
C PRO B 205 19.74 -47.22 -5.03
N ILE B 206 20.09 -47.09 -6.30
CA ILE B 206 19.39 -46.19 -7.22
C ILE B 206 18.08 -46.86 -7.61
N GLU B 207 16.96 -46.23 -7.27
CA GLU B 207 15.64 -46.74 -7.59
C GLU B 207 15.07 -45.91 -8.74
N LEU B 208 14.97 -46.53 -9.91
CA LEU B 208 14.48 -45.87 -11.12
C LEU B 208 13.10 -46.41 -11.49
N ALA B 209 12.38 -45.62 -12.30
CA ALA B 209 11.08 -46.02 -12.80
C ALA B 209 10.88 -45.50 -14.21
N LEU B 210 10.17 -46.28 -15.02
CA LEU B 210 9.91 -45.95 -16.42
C LEU B 210 8.41 -45.94 -16.67
N GLU B 211 7.88 -44.78 -17.06
CA GLU B 211 6.48 -44.65 -17.45
C GLU B 211 6.34 -44.90 -18.94
N ALA B 212 5.62 -45.96 -19.31
CA ALA B 212 5.42 -46.37 -20.69
C ALA B 212 3.96 -46.25 -21.11
N ARG B 213 3.74 -45.73 -22.32
CA ARG B 213 2.39 -45.55 -22.86
C ARG B 213 2.30 -46.12 -24.27
N GLN B 214 1.23 -46.91 -24.52
CA GLN B 214 0.93 -47.43 -25.85
C GLN B 214 -0.48 -47.00 -26.29
N GLN B 215 -0.54 -45.80 -26.85
CA GLN B 215 -1.71 -45.13 -27.40
C GLN B 215 -2.79 -44.77 -26.40
N ASN B 216 -3.04 -45.64 -25.42
CA ASN B 216 -3.82 -45.29 -24.25
C ASN B 216 -3.51 -46.14 -23.04
N LYS B 217 -2.57 -47.08 -23.13
CA LYS B 217 -2.28 -47.99 -22.02
C LYS B 217 -1.12 -47.44 -21.21
N TYR B 218 -1.27 -47.41 -19.89
CA TYR B 218 -0.23 -46.92 -19.01
C TYR B 218 0.35 -48.09 -18.21
N GLU B 219 1.65 -48.28 -18.32
CA GLU B 219 2.38 -49.25 -17.52
C GLU B 219 3.68 -48.61 -17.08
N ASN B 220 4.06 -48.84 -15.83
CA ASN B 220 5.34 -48.37 -15.34
C ASN B 220 6.13 -49.53 -14.77
N TYR B 221 7.45 -49.44 -14.89
CA TYR B 221 8.36 -50.48 -14.46
C TYR B 221 9.40 -49.87 -13.53
N SER B 222 9.78 -50.64 -12.50
CA SER B 222 10.72 -50.19 -11.50
C SER B 222 11.96 -51.08 -11.50
N THR B 223 13.04 -50.55 -10.95
CA THR B 223 14.31 -51.27 -10.85
C THR B 223 15.20 -50.55 -9.84
N SER B 224 15.85 -51.33 -8.97
CA SER B 224 16.73 -50.80 -7.94
C SER B 224 18.09 -51.49 -8.07
N PHE B 225 19.14 -50.70 -8.28
CA PHE B 225 20.47 -51.25 -8.51
C PHE B 225 21.54 -50.33 -7.95
N PHE B 226 22.68 -50.93 -7.59
CA PHE B 226 23.90 -50.19 -7.32
C PHE B 226 24.71 -50.07 -8.61
N ILE B 227 25.41 -48.94 -8.76
CA ILE B 227 26.29 -48.79 -9.92
C ILE B 227 27.36 -49.87 -9.91
N ARG B 228 27.89 -50.18 -8.72
CA ARG B 228 28.92 -51.21 -8.62
C ARG B 228 28.46 -52.55 -9.21
N ASP B 229 27.15 -52.80 -9.19
CA ASP B 229 26.60 -54.06 -9.68
C ASP B 229 26.27 -54.02 -11.17
N ILE B 230 26.41 -52.88 -11.82
CA ILE B 230 26.11 -52.77 -13.25
C ILE B 230 27.30 -52.25 -14.04
N ILE B 231 28.52 -52.44 -13.52
CA ILE B 231 29.72 -52.02 -14.24
C ILE B 231 29.99 -53.00 -15.36
N LYS B 232 30.08 -52.47 -16.59
CA LYS B 232 30.42 -53.28 -17.75
C LYS B 232 31.43 -52.53 -18.61
N PRO B 233 32.73 -52.78 -18.40
CA PRO B 233 33.75 -51.99 -19.10
C PRO B 233 33.63 -52.12 -20.62
N ASP B 234 34.39 -51.28 -21.30
CA ASP B 234 34.49 -51.31 -22.75
C ASP B 234 35.60 -52.26 -23.18
N PRO B 235 35.59 -52.69 -24.44
CA PRO B 235 36.65 -53.60 -24.92
C PRO B 235 38.02 -53.00 -24.73
N PRO B 236 39.01 -53.80 -24.35
CA PRO B 236 40.40 -53.31 -24.34
C PRO B 236 40.78 -52.76 -25.71
N LYS B 237 41.59 -51.71 -25.69
CA LYS B 237 41.93 -50.94 -26.88
C LYS B 237 43.34 -51.26 -27.38
N ASN B 238 43.55 -50.96 -28.66
CA ASN B 238 44.84 -51.15 -29.32
C ASN B 238 45.42 -52.53 -29.03
N LEU B 239 44.68 -53.55 -29.47
CA LEU B 239 45.20 -54.92 -29.43
C LEU B 239 46.32 -55.06 -30.44
N GLN B 240 47.50 -55.44 -29.97
CA GLN B 240 48.68 -55.61 -30.80
C GLN B 240 49.13 -57.07 -30.73
N MET B 241 49.69 -57.56 -31.84
CA MET B 241 50.22 -58.92 -31.92
C MET B 241 51.66 -58.84 -32.39
N LYS B 242 52.60 -58.84 -31.45
CA LYS B 242 54.02 -58.80 -31.77
C LYS B 242 54.56 -60.22 -31.83
N PRO B 243 54.87 -60.76 -33.01
CA PRO B 243 55.43 -62.13 -33.08
C PRO B 243 56.80 -62.16 -32.43
N LEU B 244 56.92 -62.91 -31.33
CA LEU B 244 58.18 -62.98 -30.59
C LEU B 244 59.06 -64.13 -31.09
N LYS B 245 58.57 -65.37 -30.98
CA LYS B 245 59.28 -66.56 -31.44
C LYS B 245 58.57 -67.15 -32.65
N ASN B 246 59.31 -67.91 -33.44
CA ASN B 246 58.80 -68.58 -34.63
C ASN B 246 57.37 -69.07 -34.49
N SER B 247 57.00 -69.56 -33.30
CA SER B 247 55.66 -70.09 -33.08
C SER B 247 54.82 -69.24 -32.13
N GLN B 248 55.44 -68.45 -31.27
CA GLN B 248 54.76 -67.73 -30.21
C GLN B 248 54.61 -66.27 -30.60
N VAL B 249 53.60 -65.61 -30.01
CA VAL B 249 53.31 -64.21 -30.28
C VAL B 249 52.92 -63.51 -28.98
N GLU B 250 53.41 -62.29 -28.79
CA GLU B 250 53.06 -61.48 -27.64
C GLU B 250 51.84 -60.64 -28.00
N VAL B 251 50.73 -60.89 -27.32
CA VAL B 251 49.52 -60.09 -27.48
C VAL B 251 49.49 -59.03 -26.39
N SER B 252 49.23 -57.79 -26.78
CA SER B 252 49.17 -56.67 -25.85
C SER B 252 47.87 -55.89 -26.07
N TRP B 253 47.54 -55.06 -25.10
CA TRP B 253 46.32 -54.24 -25.16
C TRP B 253 46.43 -53.18 -24.06
N GLU B 254 45.46 -52.27 -24.02
CA GLU B 254 45.44 -51.20 -23.05
C GLU B 254 44.05 -51.09 -22.44
N TYR B 255 43.99 -50.50 -21.26
CA TYR B 255 42.71 -50.19 -20.63
C TYR B 255 41.88 -49.30 -21.57
N PRO B 256 40.55 -49.40 -21.50
CA PRO B 256 39.72 -48.51 -22.32
C PRO B 256 39.73 -47.09 -21.79
N ASP B 257 39.83 -46.13 -22.73
CA ASP B 257 39.84 -44.72 -22.33
C ASP B 257 38.63 -44.36 -21.48
N SER B 258 37.51 -45.04 -21.71
CA SER B 258 36.32 -44.80 -20.90
C SER B 258 36.55 -45.13 -19.43
N TRP B 259 37.42 -46.10 -19.14
CA TRP B 259 37.45 -46.67 -17.80
C TRP B 259 37.99 -45.68 -16.78
N SER B 260 37.59 -45.88 -15.52
CA SER B 260 37.84 -44.91 -14.47
C SER B 260 39.33 -44.81 -14.17
N THR B 261 39.78 -43.57 -13.89
CA THR B 261 41.10 -43.24 -13.34
C THR B 261 40.97 -42.88 -11.86
N PRO B 262 41.98 -43.17 -11.04
CA PRO B 262 43.27 -43.81 -11.32
C PRO B 262 43.22 -45.35 -11.37
N HIS B 263 43.98 -45.94 -12.29
CA HIS B 263 43.96 -47.39 -12.45
C HIS B 263 44.47 -48.10 -11.21
N SER B 264 45.35 -47.46 -10.43
CA SER B 264 45.83 -48.09 -9.21
C SER B 264 44.69 -48.47 -8.28
N TYR B 265 43.58 -47.73 -8.35
CA TYR B 265 42.38 -48.07 -7.59
C TYR B 265 41.40 -48.90 -8.41
N PHE B 266 41.12 -48.46 -9.64
CA PHE B 266 40.18 -49.16 -10.53
C PHE B 266 40.97 -50.08 -11.44
N SER B 267 41.33 -51.24 -10.90
CA SER B 267 42.16 -52.21 -11.58
C SER B 267 41.29 -53.25 -12.27
N LEU B 268 41.44 -53.38 -13.58
CA LEU B 268 40.75 -54.39 -14.35
C LEU B 268 41.60 -55.64 -14.48
N LYS B 269 40.97 -56.80 -14.35
CA LYS B 269 41.57 -58.08 -14.71
C LYS B 269 41.02 -58.51 -16.06
N PHE B 270 41.87 -59.15 -16.85
CA PHE B 270 41.51 -59.53 -18.21
C PHE B 270 41.50 -61.04 -18.35
N PHE B 271 40.69 -61.53 -19.28
CA PHE B 271 40.62 -62.94 -19.62
C PHE B 271 40.99 -63.08 -21.09
N VAL B 272 41.97 -63.93 -21.37
CA VAL B 272 42.47 -64.15 -22.71
C VAL B 272 41.89 -65.44 -23.25
N ARG B 273 41.57 -65.47 -24.54
CA ARG B 273 40.99 -66.64 -25.18
C ARG B 273 41.55 -66.77 -26.59
N ILE B 274 41.44 -67.98 -27.12
CA ILE B 274 41.85 -68.30 -28.49
C ILE B 274 40.66 -68.95 -29.19
N GLN B 275 40.37 -68.47 -30.40
CA GLN B 275 39.19 -68.87 -31.14
C GLN B 275 39.56 -69.17 -32.58
N ARG B 276 38.97 -70.24 -33.11
CA ARG B 276 39.25 -70.70 -34.47
C ARG B 276 38.18 -70.28 -35.46
N LYS B 277 37.71 -69.04 -35.36
CA LYS B 277 36.69 -68.50 -36.25
C LYS B 277 35.64 -69.55 -36.63
N GLY B 287 25.76 -60.58 -18.89
CA GLY B 287 26.02 -62.00 -18.78
C GLY B 287 27.30 -62.45 -19.47
N CYS B 288 28.43 -62.00 -18.94
CA CYS B 288 29.74 -62.35 -19.48
C CYS B 288 30.19 -63.73 -18.99
N ASN B 289 30.38 -64.66 -19.93
CA ASN B 289 30.81 -66.01 -19.59
C ASN B 289 31.33 -66.70 -20.84
N GLN B 290 32.52 -67.29 -20.76
CA GLN B 290 33.21 -67.81 -21.91
C GLN B 290 33.25 -69.33 -21.90
N LYS B 291 33.75 -69.88 -23.01
CA LYS B 291 34.02 -71.30 -23.14
C LYS B 291 35.53 -71.56 -23.02
N GLY B 292 36.09 -71.15 -21.88
CA GLY B 292 37.52 -71.34 -21.65
C GLY B 292 38.34 -70.09 -21.89
N ALA B 293 39.07 -69.64 -20.87
CA ALA B 293 39.91 -68.45 -21.02
C ALA B 293 40.83 -68.34 -19.81
N PHE B 294 42.02 -67.79 -20.04
CA PHE B 294 43.06 -67.69 -19.04
C PHE B 294 43.07 -66.30 -18.41
N LEU B 295 43.12 -66.24 -17.08
CA LEU B 295 43.16 -64.97 -16.38
C LEU B 295 44.56 -64.38 -16.47
N VAL B 296 44.63 -63.09 -16.79
CA VAL B 296 45.88 -62.34 -16.77
C VAL B 296 45.54 -60.94 -16.28
N GLU B 297 46.31 -60.44 -15.32
CA GLU B 297 46.08 -59.11 -14.78
C GLU B 297 46.96 -58.05 -15.44
N LYS B 298 48.05 -58.44 -16.08
CA LYS B 298 48.86 -57.52 -16.85
C LYS B 298 48.18 -57.22 -18.19
N THR B 299 48.69 -56.21 -18.88
CA THR B 299 48.13 -55.76 -20.14
C THR B 299 48.75 -56.44 -21.35
N SER B 300 49.47 -57.54 -21.15
CA SER B 300 50.12 -58.23 -22.25
C SER B 300 50.35 -59.68 -21.84
N THR B 301 50.39 -60.56 -22.84
CA THR B 301 50.58 -61.98 -22.58
C THR B 301 51.12 -62.66 -23.82
N GLU B 302 51.99 -63.65 -23.61
CA GLU B 302 52.53 -64.47 -24.68
C GLU B 302 51.63 -65.68 -24.90
N VAL B 303 51.40 -66.00 -26.17
CA VAL B 303 50.49 -67.08 -26.55
C VAL B 303 51.05 -67.76 -27.79
N GLN B 304 50.68 -69.03 -27.96
CA GLN B 304 51.11 -69.86 -29.08
C GLN B 304 49.85 -70.35 -29.78
N CYS B 305 49.43 -69.65 -30.83
CA CYS B 305 48.18 -69.95 -31.51
C CYS B 305 48.36 -70.53 -32.91
N LYS B 306 49.26 -69.98 -33.72
CA LYS B 306 49.55 -70.51 -35.05
C LYS B 306 48.24 -70.75 -35.82
N GLY B 307 47.56 -69.65 -36.08
CA GLY B 307 46.26 -69.73 -36.73
C GLY B 307 45.13 -69.62 -35.72
N GLY B 308 44.06 -68.93 -36.09
CA GLY B 308 42.97 -68.65 -35.19
C GLY B 308 42.87 -67.17 -34.85
N ASN B 309 42.21 -66.90 -33.73
CA ASN B 309 42.01 -65.53 -33.27
C ASN B 309 42.26 -65.48 -31.76
N VAL B 310 43.00 -64.46 -31.32
CA VAL B 310 43.21 -64.21 -29.90
C VAL B 310 42.25 -63.12 -29.46
N CYS B 311 41.53 -63.37 -28.38
CA CYS B 311 40.50 -62.46 -27.89
C CYS B 311 40.72 -62.15 -26.42
N VAL B 312 40.26 -60.98 -26.00
CA VAL B 312 40.44 -60.49 -24.64
C VAL B 312 39.21 -59.71 -24.21
N GLN B 313 38.73 -59.98 -23.00
CA GLN B 313 37.66 -59.23 -22.37
C GLN B 313 38.12 -58.73 -21.01
N ALA B 314 37.56 -57.61 -20.57
CA ALA B 314 37.93 -56.97 -19.31
C ALA B 314 36.82 -57.11 -18.27
N GLN B 315 37.23 -57.13 -17.00
CA GLN B 315 36.28 -57.18 -15.89
C GLN B 315 36.88 -56.44 -14.70
N ASP B 316 36.01 -55.85 -13.88
CA ASP B 316 36.45 -55.25 -12.62
C ASP B 316 37.10 -56.30 -11.75
N ARG B 317 38.32 -56.00 -11.29
CA ARG B 317 39.10 -56.98 -10.54
C ARG B 317 38.42 -57.33 -9.21
N TYR B 318 38.05 -56.31 -8.43
CA TYR B 318 37.63 -56.51 -7.05
C TYR B 318 36.13 -56.73 -6.90
N TYR B 319 35.38 -56.78 -8.00
CA TYR B 319 33.94 -57.00 -7.93
C TYR B 319 33.51 -57.83 -9.11
N ASN B 320 32.49 -58.67 -8.90
CA ASN B 320 31.95 -59.54 -9.94
C ASN B 320 31.04 -58.75 -10.88
N SER B 321 31.64 -57.74 -11.51
CA SER B 321 30.93 -56.92 -12.48
C SER B 321 30.88 -57.62 -13.84
N SER B 322 29.95 -57.17 -14.68
CA SER B 322 29.84 -57.73 -16.02
C SER B 322 31.09 -57.41 -16.82
N CYS B 323 31.54 -58.38 -17.61
CA CYS B 323 32.74 -58.22 -18.41
C CYS B 323 32.44 -57.45 -19.69
N SER B 324 33.50 -56.87 -20.24
CA SER B 324 33.40 -56.12 -21.48
C SER B 324 33.22 -57.06 -22.67
N LYS B 325 32.91 -56.47 -23.82
CA LYS B 325 32.82 -57.22 -25.05
C LYS B 325 34.22 -57.66 -25.50
N TRP B 326 34.28 -58.80 -26.17
CA TRP B 326 35.57 -59.34 -26.60
C TRP B 326 36.17 -58.47 -27.69
N ALA B 327 37.45 -58.13 -27.53
CA ALA B 327 38.25 -57.53 -28.59
C ALA B 327 39.19 -58.59 -29.12
N CYS B 328 39.23 -58.75 -30.44
CA CYS B 328 39.90 -59.88 -31.06
C CYS B 328 40.84 -59.42 -32.16
N VAL B 329 41.92 -60.17 -32.33
CA VAL B 329 42.87 -59.98 -33.42
C VAL B 329 43.16 -61.34 -34.05
N PRO B 330 43.30 -61.42 -35.37
CA PRO B 330 43.60 -62.73 -35.99
C PRO B 330 45.03 -63.15 -35.73
N CYS B 331 45.20 -64.43 -35.43
CA CYS B 331 46.53 -65.01 -35.21
C CYS B 331 47.20 -65.24 -36.56
N ARG B 332 48.19 -64.39 -36.88
CA ARG B 332 48.88 -64.49 -38.15
C ARG B 332 50.33 -64.06 -38.01
N MET C 23 -28.71 -0.92 -12.68
CA MET C 23 -29.59 -0.83 -11.51
C MET C 23 -28.86 -0.11 -10.37
N TRP C 24 -29.57 0.12 -9.26
CA TRP C 24 -28.99 0.79 -8.11
C TRP C 24 -29.67 0.30 -6.84
N GLU C 25 -28.88 0.24 -5.76
CA GLU C 25 -29.35 -0.33 -4.50
C GLU C 25 -30.21 0.67 -3.73
N LEU C 26 -31.20 0.12 -3.02
CA LEU C 26 -32.02 0.89 -2.09
C LEU C 26 -31.70 0.54 -0.64
N GLU C 27 -31.69 -0.74 -0.30
CA GLU C 27 -31.31 -1.19 1.04
C GLU C 27 -30.77 -2.61 0.93
N LYS C 28 -30.44 -3.19 2.07
CA LYS C 28 -29.87 -4.54 2.11
C LYS C 28 -30.76 -5.53 1.34
N ASP C 29 -30.19 -6.12 0.29
CA ASP C 29 -30.86 -7.14 -0.51
C ASP C 29 -32.10 -6.59 -1.21
N VAL C 30 -32.07 -5.30 -1.57
CA VAL C 30 -33.17 -4.64 -2.25
C VAL C 30 -32.60 -3.67 -3.26
N TYR C 31 -32.93 -3.86 -4.54
CA TYR C 31 -32.37 -3.09 -5.63
C TYR C 31 -33.50 -2.59 -6.53
N VAL C 32 -33.19 -1.59 -7.33
CA VAL C 32 -34.16 -0.91 -8.19
C VAL C 32 -33.61 -0.87 -9.61
N VAL C 33 -34.40 -1.34 -10.56
CA VAL C 33 -33.99 -1.43 -11.96
C VAL C 33 -34.71 -0.34 -12.75
N GLU C 34 -33.93 0.52 -13.39
CA GLU C 34 -34.47 1.54 -14.28
C GLU C 34 -34.80 0.90 -15.62
N VAL C 35 -36.09 0.83 -15.96
CA VAL C 35 -36.57 0.18 -17.16
C VAL C 35 -37.22 1.22 -18.05
N ASP C 36 -36.87 1.22 -19.33
CA ASP C 36 -37.55 2.01 -20.35
C ASP C 36 -38.72 1.19 -20.87
N TRP C 37 -39.95 1.65 -20.60
CA TRP C 37 -41.13 0.84 -20.83
C TRP C 37 -41.59 0.81 -22.27
N THR C 38 -41.10 1.72 -23.11
CA THR C 38 -41.50 1.74 -24.51
C THR C 38 -41.27 0.36 -25.12
N PRO C 39 -42.25 -0.20 -25.83
CA PRO C 39 -42.16 -1.63 -26.19
C PRO C 39 -41.11 -1.94 -27.24
N ASP C 40 -40.68 -0.96 -28.03
CA ASP C 40 -39.67 -1.22 -29.06
C ASP C 40 -38.25 -1.20 -28.51
N ALA C 41 -38.04 -0.71 -27.28
CA ALA C 41 -36.71 -0.67 -26.70
C ALA C 41 -36.45 -1.94 -25.88
N PRO C 42 -35.23 -2.48 -25.95
CA PRO C 42 -34.94 -3.72 -25.21
C PRO C 42 -34.71 -3.45 -23.73
N GLY C 43 -34.83 -4.53 -22.96
CA GLY C 43 -34.63 -4.48 -21.52
C GLY C 43 -33.16 -4.38 -21.15
N GLU C 44 -32.92 -4.35 -19.84
CA GLU C 44 -31.57 -4.22 -19.29
C GLU C 44 -31.12 -5.54 -18.67
N THR C 45 -29.92 -5.96 -19.04
CA THR C 45 -29.30 -7.13 -18.45
C THR C 45 -28.60 -6.74 -17.14
N VAL C 46 -28.77 -7.58 -16.12
CA VAL C 46 -28.29 -7.25 -14.78
C VAL C 46 -27.70 -8.50 -14.13
N ASN C 47 -26.57 -8.32 -13.45
CA ASN C 47 -25.91 -9.41 -12.72
C ASN C 47 -26.43 -9.49 -11.29
N LEU C 48 -26.73 -10.69 -10.83
CA LEU C 48 -27.07 -10.97 -9.45
C LEU C 48 -26.10 -12.03 -8.94
N THR C 49 -25.18 -11.63 -8.06
CA THR C 49 -24.19 -12.54 -7.49
C THR C 49 -24.59 -12.95 -6.08
N CYS C 50 -24.44 -14.24 -5.78
CA CYS C 50 -24.80 -14.77 -4.47
C CYS C 50 -23.71 -14.46 -3.46
N ASP C 51 -24.10 -13.90 -2.32
CA ASP C 51 -23.16 -13.46 -1.28
C ASP C 51 -22.81 -14.65 -0.39
N THR C 52 -22.01 -15.57 -0.94
CA THR C 52 -21.64 -16.79 -0.26
C THR C 52 -20.24 -17.20 -0.67
N PRO C 53 -19.46 -17.82 0.22
CA PRO C 53 -18.15 -18.33 -0.19
C PRO C 53 -18.22 -19.35 -1.30
N GLU C 54 -19.26 -20.19 -1.31
CA GLU C 54 -19.35 -21.27 -2.28
C GLU C 54 -19.46 -20.73 -3.70
N GLU C 55 -18.96 -21.54 -4.65
CA GLU C 55 -19.05 -21.21 -6.08
C GLU C 55 -19.42 -22.43 -6.91
N ASP C 56 -19.98 -23.47 -6.29
CA ASP C 56 -20.42 -24.66 -7.00
C ASP C 56 -21.70 -25.16 -6.32
N ASP C 57 -22.61 -25.70 -7.13
CA ASP C 57 -23.92 -26.17 -6.64
C ASP C 57 -24.83 -25.02 -6.27
N ILE C 58 -24.70 -23.89 -6.96
CA ILE C 58 -25.47 -22.69 -6.69
C ILE C 58 -26.60 -22.61 -7.72
N THR C 59 -27.84 -22.55 -7.25
CA THR C 59 -29.01 -22.41 -8.10
C THR C 59 -29.89 -21.29 -7.58
N TRP C 60 -30.76 -20.79 -8.45
CA TRP C 60 -31.60 -19.65 -8.16
C TRP C 60 -33.08 -20.02 -8.29
N THR C 61 -33.90 -19.53 -7.36
CA THR C 61 -35.35 -19.72 -7.41
C THR C 61 -36.03 -18.37 -7.26
N SER C 62 -36.88 -18.03 -8.21
CA SER C 62 -37.67 -16.80 -8.17
C SER C 62 -39.06 -17.09 -7.62
N ASP C 63 -39.68 -16.05 -7.06
CA ASP C 63 -41.08 -16.16 -6.67
C ASP C 63 -41.99 -16.08 -7.89
N GLN C 64 -41.65 -15.22 -8.86
CA GLN C 64 -42.48 -15.07 -10.05
C GLN C 64 -42.57 -16.37 -10.84
N ARG C 65 -41.48 -17.14 -10.89
CA ARG C 65 -41.41 -18.35 -11.69
C ARG C 65 -41.07 -19.54 -10.80
N HIS C 66 -41.90 -20.58 -10.87
CA HIS C 66 -41.61 -21.81 -10.16
C HIS C 66 -40.38 -22.50 -10.76
N GLY C 67 -39.59 -23.11 -9.89
CA GLY C 67 -38.43 -23.85 -10.32
C GLY C 67 -37.17 -23.01 -10.36
N VAL C 68 -36.08 -23.65 -10.74
CA VAL C 68 -34.79 -22.98 -10.88
C VAL C 68 -34.71 -22.32 -12.24
N ILE C 69 -34.10 -21.13 -12.29
CA ILE C 69 -33.94 -20.38 -13.52
C ILE C 69 -32.50 -20.37 -14.00
N GLY C 70 -31.54 -20.25 -13.08
CA GLY C 70 -30.15 -20.17 -13.48
C GLY C 70 -29.24 -20.87 -12.48
N SER C 71 -28.09 -21.29 -12.97
CA SER C 71 -27.06 -21.91 -12.16
C SER C 71 -25.79 -21.07 -12.23
N GLY C 72 -24.97 -21.18 -11.20
CA GLY C 72 -23.76 -20.41 -11.08
C GLY C 72 -23.90 -19.26 -10.09
N LYS C 73 -22.74 -18.83 -9.56
CA LYS C 73 -22.75 -17.81 -8.53
C LYS C 73 -23.29 -16.48 -9.05
N THR C 74 -22.91 -16.11 -10.27
CA THR C 74 -23.36 -14.87 -10.89
C THR C 74 -24.42 -15.19 -11.94
N LEU C 75 -25.65 -14.73 -11.69
CA LEU C 75 -26.77 -14.94 -12.60
C LEU C 75 -27.07 -13.64 -13.34
N THR C 76 -26.97 -13.67 -14.66
CA THR C 76 -27.19 -12.51 -15.51
C THR C 76 -28.55 -12.64 -16.19
N ILE C 77 -29.45 -11.70 -15.90
CA ILE C 77 -30.83 -11.77 -16.37
C ILE C 77 -31.22 -10.46 -17.02
N THR C 78 -31.99 -10.54 -18.09
CA THR C 78 -32.59 -9.37 -18.73
C THR C 78 -33.94 -9.09 -18.08
N VAL C 79 -34.21 -7.82 -17.82
CA VAL C 79 -35.42 -7.39 -17.12
C VAL C 79 -36.11 -6.31 -17.93
N LYS C 80 -37.35 -6.57 -18.33
CA LYS C 80 -38.21 -5.55 -18.94
C LYS C 80 -39.63 -5.53 -18.40
N GLU C 81 -40.13 -6.61 -17.80
CA GLU C 81 -41.47 -6.68 -17.25
C GLU C 81 -41.40 -7.07 -15.78
N PHE C 82 -42.51 -6.87 -15.07
CA PHE C 82 -42.55 -7.19 -13.64
C PHE C 82 -42.35 -8.68 -13.38
N LEU C 83 -42.68 -9.53 -14.36
CA LEU C 83 -42.41 -10.95 -14.20
C LEU C 83 -40.93 -11.23 -14.01
N ASP C 84 -40.07 -10.33 -14.47
CA ASP C 84 -38.62 -10.46 -14.30
C ASP C 84 -38.11 -9.78 -13.03
N ALA C 85 -38.98 -9.52 -12.07
CA ALA C 85 -38.62 -8.93 -10.79
C ALA C 85 -38.99 -9.89 -9.66
N GLY C 86 -38.88 -9.42 -8.43
CA GLY C 86 -39.27 -10.19 -7.27
C GLY C 86 -38.07 -10.62 -6.44
N GLN C 87 -38.30 -11.68 -5.65
CA GLN C 87 -37.32 -12.17 -4.70
C GLN C 87 -36.57 -13.35 -5.31
N TYR C 88 -35.38 -13.09 -5.83
CA TYR C 88 -34.48 -14.14 -6.29
C TYR C 88 -33.70 -14.68 -5.11
N THR C 89 -33.82 -15.99 -4.86
CA THR C 89 -33.19 -16.64 -3.72
C THR C 89 -32.28 -17.77 -4.21
N CYS C 90 -31.08 -17.84 -3.63
CA CYS C 90 -30.13 -18.88 -3.98
C CYS C 90 -30.55 -20.22 -3.38
N HIS C 91 -29.81 -21.27 -3.75
CA HIS C 91 -30.07 -22.62 -3.24
C HIS C 91 -28.85 -23.50 -3.44
N LYS C 92 -28.45 -24.19 -2.38
CA LYS C 92 -27.34 -25.14 -2.44
C LYS C 92 -27.65 -26.30 -1.51
N GLY C 93 -27.48 -27.52 -2.01
CA GLY C 93 -27.68 -28.71 -1.21
C GLY C 93 -29.05 -28.81 -0.56
N GLY C 94 -30.02 -28.10 -1.12
CA GLY C 94 -31.37 -28.09 -0.58
C GLY C 94 -31.64 -27.01 0.44
N GLU C 95 -30.74 -26.05 0.60
CA GLU C 95 -30.85 -25.01 1.61
C GLU C 95 -30.68 -23.64 0.95
N THR C 96 -31.42 -22.65 1.44
CA THR C 96 -31.31 -21.30 0.93
C THR C 96 -30.05 -20.63 1.44
N LEU C 97 -29.37 -19.92 0.54
CA LEU C 97 -28.12 -19.23 0.88
C LEU C 97 -28.33 -17.73 1.09
N SER C 98 -28.82 -17.02 0.08
CA SER C 98 -29.02 -15.58 0.15
C SER C 98 -30.12 -15.18 -0.82
N HIS C 99 -30.81 -14.09 -0.51
CA HIS C 99 -31.94 -13.61 -1.30
C HIS C 99 -31.67 -12.19 -1.77
N SER C 100 -32.31 -11.82 -2.88
CA SER C 100 -32.18 -10.49 -3.46
C SER C 100 -33.51 -10.09 -4.08
N HIS C 101 -34.02 -8.92 -3.69
CA HIS C 101 -35.30 -8.43 -4.16
C HIS C 101 -35.09 -7.31 -5.16
N LEU C 102 -35.82 -7.35 -6.26
CA LEU C 102 -35.70 -6.36 -7.32
C LEU C 102 -36.99 -5.56 -7.46
N LEU C 103 -36.85 -4.31 -7.89
CA LEU C 103 -37.96 -3.41 -8.11
C LEU C 103 -37.77 -2.71 -9.46
N LEU C 104 -38.89 -2.28 -10.04
CA LEU C 104 -38.88 -1.64 -11.35
C LEU C 104 -39.32 -0.18 -11.23
N HIS C 105 -38.62 0.69 -11.97
CA HIS C 105 -38.96 2.09 -12.09
C HIS C 105 -39.26 2.37 -13.56
N LYS C 106 -40.55 2.49 -13.90
CA LYS C 106 -40.92 2.69 -15.30
C LYS C 106 -40.44 4.03 -15.81
N LYS C 107 -40.22 4.10 -17.12
CA LYS C 107 -39.71 5.31 -17.78
C LYS C 107 -40.20 5.30 -19.21
N GLU C 108 -41.19 6.14 -19.51
CA GLU C 108 -41.79 6.21 -20.84
C GLU C 108 -41.53 7.58 -21.45
N ASN C 109 -41.00 7.59 -22.67
CA ASN C 109 -40.59 8.84 -23.34
C ASN C 109 -39.75 9.70 -22.40
N GLY C 110 -38.80 9.06 -21.72
CA GLY C 110 -37.95 9.77 -20.78
C GLY C 110 -38.72 10.44 -19.67
N ILE C 111 -39.83 9.84 -19.23
CA ILE C 111 -40.64 10.38 -18.14
C ILE C 111 -40.84 9.27 -17.12
N TRP C 112 -40.56 9.57 -15.86
CA TRP C 112 -40.69 8.57 -14.80
C TRP C 112 -42.14 8.39 -14.40
N SER C 113 -42.50 7.15 -14.07
CA SER C 113 -43.88 6.78 -13.79
C SER C 113 -44.38 7.45 -12.52
N THR C 114 -45.68 7.78 -12.52
CA THR C 114 -46.36 8.40 -11.39
C THR C 114 -47.70 7.72 -11.17
N GLU C 115 -47.71 6.39 -11.20
CA GLU C 115 -48.95 5.64 -11.25
C GLU C 115 -49.45 5.18 -9.88
N ILE C 116 -48.58 5.21 -8.86
CA ILE C 116 -49.00 4.75 -7.54
C ILE C 116 -49.90 5.79 -6.88
N LEU C 117 -49.52 7.07 -6.97
CA LEU C 117 -50.21 8.13 -6.26
C LEU C 117 -51.28 8.77 -7.13
N LYS C 118 -52.29 9.34 -6.46
CA LYS C 118 -53.30 10.16 -7.11
C LYS C 118 -53.00 11.63 -6.87
N ASN C 119 -52.94 12.41 -7.94
CA ASN C 119 -52.67 13.83 -7.83
C ASN C 119 -53.91 14.56 -7.33
N PHE C 120 -53.67 15.76 -6.78
CA PHE C 120 -54.75 16.62 -6.35
C PHE C 120 -55.25 17.45 -7.53
N LYS C 121 -56.27 18.26 -7.31
CA LYS C 121 -56.80 19.11 -8.37
C LYS C 121 -55.70 19.97 -8.98
N ASN C 122 -54.78 20.47 -8.15
CA ASN C 122 -53.71 21.35 -8.62
C ASN C 122 -52.58 20.62 -9.31
N LYS C 123 -52.70 19.30 -9.50
CA LYS C 123 -51.76 18.43 -10.20
C LYS C 123 -50.54 18.07 -9.36
N THR C 124 -50.41 18.57 -8.14
CA THR C 124 -49.33 18.17 -7.26
C THR C 124 -49.72 16.91 -6.50
N PHE C 125 -48.70 16.19 -6.02
CA PHE C 125 -48.93 14.94 -5.32
C PHE C 125 -48.77 15.05 -3.81
N LEU C 126 -48.02 16.03 -3.32
CA LEU C 126 -47.65 16.13 -1.91
C LEU C 126 -48.17 17.44 -1.33
N LYS C 127 -49.25 17.37 -0.57
CA LYS C 127 -49.82 18.52 0.11
C LYS C 127 -49.18 18.61 1.49
N CYS C 128 -48.47 19.71 1.75
CA CYS C 128 -47.77 19.91 3.00
C CYS C 128 -48.29 21.17 3.66
N GLU C 129 -48.58 21.09 4.96
CA GLU C 129 -49.16 22.19 5.73
C GLU C 129 -48.52 22.24 7.10
N ALA C 130 -48.44 23.44 7.66
CA ALA C 130 -47.78 23.68 8.94
C ALA C 130 -48.66 24.51 9.84
N PRO C 131 -49.03 24.04 11.04
CA PRO C 131 -49.87 24.83 11.93
C PRO C 131 -49.14 25.95 12.66
N ASN C 132 -47.84 26.08 12.50
CA ASN C 132 -47.08 27.12 13.16
C ASN C 132 -45.70 27.17 12.52
N TYR C 133 -44.85 28.07 13.03
CA TYR C 133 -43.50 28.23 12.53
C TYR C 133 -42.49 27.40 13.32
N SER C 134 -42.96 26.42 14.10
CA SER C 134 -42.08 25.64 14.96
C SER C 134 -41.14 24.72 14.18
N GLY C 135 -41.18 24.75 12.85
CA GLY C 135 -40.45 23.80 12.05
C GLY C 135 -41.16 22.47 11.84
N ARG C 136 -42.16 22.18 12.65
CA ARG C 136 -42.95 20.96 12.47
C ARG C 136 -43.99 21.18 11.37
N PHE C 137 -44.20 20.15 10.56
CA PHE C 137 -45.21 20.20 9.50
C PHE C 137 -45.60 18.77 9.15
N THR C 138 -46.63 18.66 8.30
CA THR C 138 -47.15 17.37 7.89
C THR C 138 -47.45 17.39 6.40
N CYS C 139 -47.09 16.30 5.72
CA CYS C 139 -47.33 16.15 4.28
C CYS C 139 -48.27 14.96 4.06
N SER C 140 -49.22 15.14 3.15
CA SER C 140 -50.20 14.12 2.82
C SER C 140 -50.18 13.83 1.32
N TRP C 141 -50.67 12.66 0.96
CA TRP C 141 -50.75 12.25 -0.43
C TRP C 141 -51.87 11.24 -0.59
N LEU C 142 -52.32 11.08 -1.84
CA LEU C 142 -53.43 10.20 -2.17
C LEU C 142 -52.93 8.98 -2.93
N VAL C 143 -53.54 7.83 -2.65
CA VAL C 143 -53.13 6.57 -3.26
C VAL C 143 -54.20 6.14 -4.26
N GLN C 144 -53.76 5.54 -5.37
CA GLN C 144 -54.71 4.99 -6.34
C GLN C 144 -55.39 3.75 -5.78
N ARG C 145 -54.61 2.84 -5.20
CA ARG C 145 -55.14 1.67 -4.52
C ARG C 145 -54.38 1.49 -3.21
N ASN C 146 -54.95 0.71 -2.31
CA ASN C 146 -54.36 0.45 -0.99
C ASN C 146 -54.15 -1.06 -0.87
N MET C 147 -53.02 -1.54 -1.40
CA MET C 147 -52.64 -2.94 -1.28
C MET C 147 -51.12 -3.05 -1.35
N ASP C 148 -50.51 -3.49 -0.25
CA ASP C 148 -49.08 -3.76 -0.20
C ASP C 148 -48.28 -2.51 -0.60
N LEU C 149 -48.42 -1.47 0.21
CA LEU C 149 -47.73 -0.21 0.00
C LEU C 149 -46.67 0.00 1.07
N LYS C 150 -45.54 0.57 0.66
CA LYS C 150 -44.46 0.93 1.55
C LYS C 150 -44.06 2.36 1.24
N PHE C 151 -43.97 3.20 2.27
CA PHE C 151 -43.72 4.62 2.09
C PHE C 151 -42.53 5.06 2.95
N ASN C 152 -41.62 5.81 2.33
CA ASN C 152 -40.51 6.44 3.03
C ASN C 152 -40.34 7.85 2.51
N ILE C 153 -39.92 8.77 3.39
CA ILE C 153 -39.80 10.18 3.05
C ILE C 153 -38.58 10.75 3.76
N LYS C 154 -37.79 11.54 3.03
CA LYS C 154 -36.53 12.07 3.53
C LYS C 154 -36.17 13.33 2.75
N SER C 155 -35.26 14.12 3.34
CA SER C 155 -34.74 15.30 2.68
C SER C 155 -34.01 14.95 1.38
N SER C 156 -34.43 15.58 0.28
CA SER C 156 -33.91 15.27 -1.04
C SER C 156 -32.59 15.95 -1.36
N SER C 157 -32.15 16.91 -0.55
CA SER C 157 -30.87 17.60 -0.78
C SER C 157 -29.75 16.98 0.03
N SER C 158 -29.89 16.92 1.35
CA SER C 158 -28.94 16.28 2.25
C SER C 158 -27.49 16.64 1.89
N SER C 159 -27.21 17.94 1.97
CA SER C 159 -25.87 18.45 1.73
C SER C 159 -25.73 19.77 2.48
N PRO C 160 -24.50 20.25 2.68
CA PRO C 160 -24.33 21.60 3.24
C PRO C 160 -25.17 22.59 2.44
N ASP C 161 -25.71 23.59 3.14
CA ASP C 161 -26.66 24.52 2.55
C ASP C 161 -27.97 23.83 2.21
N SER C 162 -28.44 22.97 3.13
CA SER C 162 -29.73 22.31 3.02
C SER C 162 -30.40 22.35 4.39
N ARG C 163 -31.58 21.77 4.48
CA ARG C 163 -32.40 21.84 5.68
C ARG C 163 -32.61 20.43 6.24
N ALA C 164 -32.11 20.21 7.45
CA ALA C 164 -32.22 18.91 8.11
C ALA C 164 -33.64 18.70 8.59
N VAL C 165 -34.29 17.65 8.09
CA VAL C 165 -35.66 17.33 8.46
C VAL C 165 -35.73 15.86 8.85
N THR C 166 -36.41 15.56 9.96
CA THR C 166 -36.65 14.19 10.42
C THR C 166 -38.14 13.91 10.31
N CYS C 167 -38.49 12.86 9.58
CA CYS C 167 -39.88 12.50 9.33
C CYS C 167 -40.19 11.16 9.95
N GLY C 168 -41.32 11.10 10.66
CA GLY C 168 -41.81 9.88 11.24
C GLY C 168 -42.40 8.93 10.23
N MET C 169 -43.18 7.97 10.70
CA MET C 169 -43.80 6.97 9.83
C MET C 169 -45.05 7.53 9.17
N ALA C 170 -45.31 7.08 7.95
CA ALA C 170 -46.55 7.43 7.28
C ALA C 170 -47.72 6.70 7.95
N SER C 171 -48.94 7.12 7.62
CA SER C 171 -50.12 6.54 8.23
C SER C 171 -51.36 6.90 7.42
N LEU C 172 -52.31 5.98 7.39
CA LEU C 172 -53.57 6.22 6.72
C LEU C 172 -54.44 7.10 7.60
N SER C 173 -54.99 8.16 7.00
CA SER C 173 -55.89 9.06 7.70
C SER C 173 -57.32 8.59 7.53
N ALA C 174 -58.09 8.66 8.62
CA ALA C 174 -59.51 8.33 8.54
C ALA C 174 -60.19 9.13 7.45
N GLU C 175 -59.73 10.36 7.20
CA GLU C 175 -60.34 11.23 6.21
C GLU C 175 -60.06 10.71 4.80
N LYS C 176 -61.12 10.34 4.08
CA LYS C 176 -61.03 10.08 2.66
C LYS C 176 -61.26 11.37 1.90
N VAL C 177 -60.59 11.50 0.75
CA VAL C 177 -60.68 12.70 -0.08
C VAL C 177 -61.36 12.33 -1.39
N THR C 178 -62.47 12.98 -1.68
CA THR C 178 -63.30 12.70 -2.85
C THR C 178 -63.00 13.69 -3.96
N LEU C 179 -62.84 13.17 -5.18
CA LEU C 179 -62.68 13.99 -6.37
C LEU C 179 -63.75 13.59 -7.38
N ASP C 180 -63.58 13.96 -8.65
CA ASP C 180 -64.67 14.02 -9.63
C ASP C 180 -65.81 13.04 -9.41
N GLN C 181 -65.50 11.78 -9.14
CA GLN C 181 -66.50 10.87 -8.58
C GLN C 181 -65.92 9.91 -7.55
N ARG C 182 -64.61 9.74 -7.50
CA ARG C 182 -63.96 8.63 -6.80
C ARG C 182 -63.43 9.10 -5.46
N ASP C 183 -63.61 8.27 -4.44
CA ASP C 183 -63.13 8.52 -3.08
C ASP C 183 -61.76 7.87 -2.93
N TYR C 184 -60.70 8.68 -3.01
CA TYR C 184 -59.33 8.21 -2.80
C TYR C 184 -58.94 8.29 -1.34
N GLU C 185 -58.10 7.35 -0.91
CA GLU C 185 -57.58 7.31 0.46
C GLU C 185 -56.29 8.14 0.55
N LYS C 186 -56.04 8.69 1.74
CA LYS C 186 -54.97 9.66 1.95
C LYS C 186 -54.02 9.17 3.03
N TYR C 187 -52.73 9.20 2.73
CA TYR C 187 -51.68 8.88 3.70
C TYR C 187 -50.96 10.16 4.11
N SER C 188 -50.76 10.33 5.42
CA SER C 188 -50.12 11.51 5.98
C SER C 188 -48.92 11.11 6.81
N VAL C 189 -48.03 12.08 7.04
CA VAL C 189 -46.79 11.85 7.78
C VAL C 189 -46.41 13.13 8.48
N SER C 190 -45.90 13.00 9.71
CA SER C 190 -45.48 14.13 10.52
C SER C 190 -43.97 14.31 10.43
N CYS C 191 -43.54 15.54 10.14
CA CYS C 191 -42.13 15.87 9.96
C CYS C 191 -41.75 17.04 10.86
N GLN C 192 -40.49 17.05 11.30
CA GLN C 192 -39.95 18.09 12.16
C GLN C 192 -38.58 18.51 11.66
N GLU C 193 -38.39 19.81 11.48
CA GLU C 193 -37.07 20.35 11.17
C GLU C 193 -36.22 20.37 12.42
N ASP C 194 -34.93 20.05 12.27
CA ASP C 194 -34.04 19.96 13.42
C ASP C 194 -33.52 21.34 13.82
N VAL C 195 -32.89 22.05 12.87
CA VAL C 195 -32.43 23.41 13.13
C VAL C 195 -33.64 24.32 13.03
N THR C 196 -33.98 24.98 14.14
CA THR C 196 -35.21 25.77 14.20
C THR C 196 -34.99 27.08 14.96
N CYS C 197 -35.11 28.20 14.25
CA CYS C 197 -35.25 29.52 14.85
C CYS C 197 -36.56 30.09 14.28
N PRO C 198 -37.69 29.89 14.96
CA PRO C 198 -38.98 30.27 14.39
C PRO C 198 -38.98 31.59 13.62
N THR C 199 -38.47 32.64 14.26
CA THR C 199 -38.57 34.00 13.74
C THR C 199 -37.64 34.26 12.56
N ALA C 200 -36.67 33.40 12.29
CA ALA C 200 -35.72 33.64 11.23
C ALA C 200 -36.41 33.61 9.87
N GLU C 201 -35.98 34.50 8.98
CA GLU C 201 -36.52 34.51 7.62
C GLU C 201 -35.98 33.33 6.85
N GLU C 202 -36.84 32.67 6.10
CA GLU C 202 -36.46 31.48 5.35
C GLU C 202 -35.64 31.87 4.13
N THR C 203 -34.40 31.40 4.08
CA THR C 203 -33.49 31.68 2.98
C THR C 203 -33.47 30.59 1.93
N LEU C 204 -33.56 29.32 2.33
CA LEU C 204 -33.47 28.18 1.42
C LEU C 204 -34.63 27.23 1.67
N PRO C 205 -35.28 26.73 0.62
CA PRO C 205 -36.49 25.92 0.84
C PRO C 205 -36.16 24.52 1.33
N ILE C 206 -37.16 23.93 1.98
CA ILE C 206 -37.10 22.52 2.38
C ILE C 206 -37.39 21.67 1.15
N GLU C 207 -36.43 20.84 0.77
CA GLU C 207 -36.58 19.94 -0.38
C GLU C 207 -36.81 18.53 0.15
N LEU C 208 -38.03 18.03 -0.02
CA LEU C 208 -38.43 16.71 0.45
C LEU C 208 -38.62 15.76 -0.73
N ALA C 209 -38.55 14.46 -0.43
CA ALA C 209 -38.77 13.42 -1.42
C ALA C 209 -39.48 12.25 -0.75
N LEU C 210 -40.34 11.59 -1.52
CA LEU C 210 -41.14 10.46 -1.04
C LEU C 210 -40.85 9.24 -1.90
N GLU C 211 -40.32 8.20 -1.28
CA GLU C 211 -40.13 6.91 -1.93
C GLU C 211 -41.41 6.09 -1.72
N ALA C 212 -42.11 5.79 -2.79
CA ALA C 212 -43.34 5.03 -2.74
C ALA C 212 -43.11 3.69 -3.45
N ARG C 213 -43.50 2.61 -2.80
CA ARG C 213 -43.31 1.27 -3.34
C ARG C 213 -44.62 0.49 -3.23
N GLN C 214 -45.01 -0.15 -4.32
CA GLN C 214 -46.15 -1.06 -4.29
C GLN C 214 -45.62 -2.39 -4.82
N GLN C 215 -46.49 -3.31 -5.22
CA GLN C 215 -46.16 -4.73 -5.34
C GLN C 215 -44.69 -5.00 -5.66
N ASN C 216 -44.16 -4.35 -6.69
CA ASN C 216 -42.72 -4.32 -6.91
C ASN C 216 -42.31 -3.02 -7.59
N LYS C 217 -43.23 -2.07 -7.74
CA LYS C 217 -43.02 -0.86 -8.53
C LYS C 217 -42.46 0.25 -7.63
N TYR C 218 -41.42 0.92 -8.10
CA TYR C 218 -40.76 1.99 -7.36
C TYR C 218 -41.02 3.33 -8.05
N GLU C 219 -41.57 4.27 -7.29
CA GLU C 219 -41.78 5.65 -7.76
C GLU C 219 -41.42 6.60 -6.63
N ASN C 220 -40.75 7.70 -6.97
CA ASN C 220 -40.46 8.73 -5.98
C ASN C 220 -40.98 10.08 -6.46
N TYR C 221 -41.36 10.91 -5.49
CA TYR C 221 -41.92 12.23 -5.74
C TYR C 221 -41.11 13.26 -4.96
N SER C 222 -41.05 14.47 -5.51
CA SER C 222 -40.30 15.58 -4.92
C SER C 222 -41.21 16.78 -4.68
N THR C 223 -40.77 17.65 -3.78
CA THR C 223 -41.50 18.88 -3.46
C THR C 223 -40.57 19.80 -2.68
N SER C 224 -40.57 21.08 -3.04
CA SER C 224 -39.73 22.09 -2.38
C SER C 224 -40.62 23.24 -1.94
N PHE C 225 -40.63 23.54 -0.63
CA PHE C 225 -41.52 24.54 -0.08
C PHE C 225 -40.86 25.25 1.09
N PHE C 226 -41.29 26.49 1.33
CA PHE C 226 -40.98 27.21 2.56
C PHE C 226 -42.10 26.98 3.56
N ILE C 227 -41.74 26.87 4.85
CA ILE C 227 -42.78 26.74 5.87
C ILE C 227 -43.71 27.95 5.81
N ARG C 228 -43.15 29.14 5.62
CA ARG C 228 -43.94 30.36 5.57
C ARG C 228 -45.03 30.27 4.51
N ASP C 229 -44.83 29.48 3.46
CA ASP C 229 -45.80 29.35 2.37
C ASP C 229 -46.81 28.25 2.60
N ILE C 230 -46.66 27.45 3.66
CA ILE C 230 -47.59 26.37 3.95
C ILE C 230 -48.16 26.49 5.36
N ILE C 231 -48.21 27.71 5.88
CA ILE C 231 -48.82 27.94 7.20
C ILE C 231 -50.33 27.91 7.06
N LYS C 232 -50.97 27.07 7.85
CA LYS C 232 -52.44 27.01 7.94
C LYS C 232 -52.79 26.91 9.42
N PRO C 233 -53.09 28.04 10.08
CA PRO C 233 -53.34 27.99 11.51
C PRO C 233 -54.54 27.12 11.84
N ASP C 234 -54.71 26.84 13.13
CA ASP C 234 -55.86 26.08 13.59
C ASP C 234 -57.02 27.02 13.88
N PRO C 235 -58.24 26.49 13.97
CA PRO C 235 -59.41 27.33 14.27
C PRO C 235 -59.22 28.09 15.57
N PRO C 236 -59.72 29.31 15.67
CA PRO C 236 -59.70 30.01 16.97
C PRO C 236 -60.36 29.18 18.05
N LYS C 237 -59.83 29.27 19.27
CA LYS C 237 -60.24 28.40 20.35
C LYS C 237 -61.17 29.13 21.31
N ASN C 238 -61.94 28.35 22.07
CA ASN C 238 -62.87 28.85 23.05
C ASN C 238 -63.66 30.05 22.51
N LEU C 239 -64.37 29.78 21.41
CA LEU C 239 -65.31 30.78 20.90
C LEU C 239 -66.45 30.93 21.89
N GLN C 240 -66.68 32.16 22.32
CA GLN C 240 -67.75 32.48 23.26
C GLN C 240 -68.73 33.39 22.54
N MET C 241 -70.00 33.24 22.86
CA MET C 241 -71.07 34.09 22.32
C MET C 241 -71.83 34.60 23.55
N LYS C 242 -71.43 35.76 24.04
CA LYS C 242 -72.03 36.36 25.23
C LYS C 242 -73.14 37.31 24.81
N PRO C 243 -74.42 36.98 25.04
CA PRO C 243 -75.49 37.93 24.68
C PRO C 243 -75.41 39.19 25.51
N LEU C 244 -75.09 40.32 24.87
CA LEU C 244 -74.88 41.58 25.59
C LEU C 244 -76.16 42.41 25.68
N LYS C 245 -76.64 42.88 24.54
CA LYS C 245 -77.84 43.71 24.42
C LYS C 245 -78.95 42.93 23.75
N ASN C 246 -80.19 43.36 23.99
CA ASN C 246 -81.37 42.69 23.47
C ASN C 246 -81.15 42.07 22.09
N SER C 247 -80.41 42.76 21.21
CA SER C 247 -80.16 42.27 19.87
C SER C 247 -78.69 41.96 19.61
N GLN C 248 -77.77 42.53 20.39
CA GLN C 248 -76.34 42.44 20.12
C GLN C 248 -75.71 41.39 21.01
N VAL C 249 -74.63 40.78 20.50
CA VAL C 249 -73.89 39.75 21.23
C VAL C 249 -72.40 39.94 20.99
N GLU C 250 -71.61 39.78 22.05
CA GLU C 250 -70.15 39.86 21.96
C GLU C 250 -69.59 38.47 21.69
N VAL C 251 -68.99 38.29 20.53
CA VAL C 251 -68.30 37.05 20.17
C VAL C 251 -66.83 37.21 20.53
N SER C 252 -66.29 36.24 21.25
CA SER C 252 -64.90 36.27 21.67
C SER C 252 -64.21 34.96 21.30
N TRP C 253 -62.88 34.99 21.33
CA TRP C 253 -62.07 33.82 21.01
C TRP C 253 -60.65 34.08 21.45
N GLU C 254 -59.79 33.07 21.28
CA GLU C 254 -58.40 33.14 21.65
C GLU C 254 -57.54 32.57 20.53
N TYR C 255 -56.26 32.94 20.53
CA TYR C 255 -55.30 32.34 19.62
C TYR C 255 -55.27 30.82 19.84
N PRO C 256 -55.01 30.04 18.79
CA PRO C 256 -54.92 28.59 18.99
C PRO C 256 -53.65 28.22 19.74
N ASP C 257 -53.80 27.32 20.71
CA ASP C 257 -52.63 26.90 21.49
C ASP C 257 -51.52 26.39 20.58
N SER C 258 -51.88 25.81 19.44
CA SER C 258 -50.88 25.35 18.47
C SER C 258 -50.02 26.50 17.94
N TRP C 259 -50.61 27.68 17.79
CA TRP C 259 -49.94 28.74 17.04
C TRP C 259 -48.73 29.27 17.79
N SER C 260 -47.78 29.82 17.02
CA SER C 260 -46.49 30.20 17.53
C SER C 260 -46.56 31.37 18.52
N THR C 261 -45.77 31.28 19.56
CA THR C 261 -45.53 32.35 20.50
C THR C 261 -44.17 32.98 20.26
N PRO C 262 -43.98 34.27 20.58
CA PRO C 262 -44.94 35.19 21.18
C PRO C 262 -45.89 35.81 20.18
N HIS C 263 -47.15 35.97 20.58
CA HIS C 263 -48.15 36.50 19.65
C HIS C 263 -47.81 37.91 19.20
N SER C 264 -47.06 38.67 20.03
CA SER C 264 -46.65 40.01 19.64
C SER C 264 -45.87 40.00 18.33
N TYR C 265 -45.16 38.91 18.04
CA TYR C 265 -44.45 38.74 16.79
C TYR C 265 -45.30 38.00 15.75
N PHE C 266 -45.88 36.87 16.16
CA PHE C 266 -46.72 36.06 15.28
C PHE C 266 -48.17 36.48 15.50
N SER C 267 -48.58 37.55 14.83
CA SER C 267 -49.90 38.12 14.98
C SER C 267 -50.82 37.61 13.87
N LEU C 268 -51.91 36.97 14.25
CA LEU C 268 -52.94 36.56 13.31
C LEU C 268 -54.03 37.61 13.23
N LYS C 269 -54.53 37.85 12.02
CA LYS C 269 -55.74 38.62 11.79
C LYS C 269 -56.90 37.67 11.55
N PHE C 270 -58.09 38.08 12.00
CA PHE C 270 -59.28 37.24 11.93
C PHE C 270 -60.31 37.87 11.00
N PHE C 271 -61.12 37.01 10.40
CA PHE C 271 -62.24 37.42 9.55
C PHE C 271 -63.53 36.89 10.16
N VAL C 272 -64.50 37.78 10.36
CA VAL C 272 -65.78 37.42 10.96
C VAL C 272 -66.82 37.31 9.87
N ARG C 273 -67.75 36.36 10.05
CA ARG C 273 -68.80 36.10 9.08
C ARG C 273 -70.10 35.75 9.79
N ILE C 274 -71.21 35.88 9.05
CA ILE C 274 -72.53 35.50 9.51
C ILE C 274 -73.17 34.63 8.43
N GLN C 275 -73.75 33.51 8.83
CA GLN C 275 -74.30 32.52 7.91
C GLN C 275 -75.67 32.08 8.41
N ARG C 276 -76.59 31.83 7.49
CA ARG C 276 -77.96 31.44 7.82
C ARG C 276 -78.14 29.93 7.84
N LYS C 277 -77.25 29.22 8.54
CA LYS C 277 -77.31 27.77 8.64
C LYS C 277 -77.06 27.09 7.29
N GLY C 287 -56.96 26.19 1.71
CA GLY C 287 -57.11 27.47 1.04
C GLY C 287 -58.09 28.41 1.72
N CYS C 288 -57.86 29.72 1.53
CA CYS C 288 -58.73 30.76 2.05
C CYS C 288 -59.92 30.96 1.13
N ASN C 289 -61.13 30.82 1.67
CA ASN C 289 -62.34 31.04 0.89
C ASN C 289 -62.96 32.33 1.41
N GLN C 290 -62.96 33.36 0.57
CA GLN C 290 -63.39 34.70 0.95
C GLN C 290 -64.62 35.03 0.13
N LYS C 291 -65.80 34.84 0.72
CA LYS C 291 -67.05 35.27 0.11
C LYS C 291 -67.71 36.33 0.98
N GLY C 292 -66.96 37.33 1.40
CA GLY C 292 -67.52 38.39 2.22
C GLY C 292 -67.26 38.15 3.69
N ALA C 293 -66.54 39.05 4.34
CA ALA C 293 -66.24 38.92 5.76
C ALA C 293 -65.63 40.22 6.25
N PHE C 294 -65.89 40.56 7.50
CA PHE C 294 -65.43 41.79 8.11
C PHE C 294 -64.18 41.48 8.93
N LEU C 295 -63.11 42.23 8.67
CA LEU C 295 -61.83 41.99 9.30
C LEU C 295 -61.79 42.49 10.72
N VAL C 296 -61.25 41.69 11.62
CA VAL C 296 -61.00 42.09 13.00
C VAL C 296 -59.67 41.49 13.43
N GLU C 297 -58.80 42.32 13.99
CA GLU C 297 -57.50 41.88 14.49
C GLU C 297 -57.51 41.64 15.99
N LYS C 298 -58.49 42.17 16.71
CA LYS C 298 -58.67 41.87 18.12
C LYS C 298 -59.29 40.48 18.27
N THR C 299 -59.31 39.98 19.50
CA THR C 299 -59.83 38.65 19.78
C THR C 299 -61.31 38.66 20.14
N SER C 300 -62.03 39.75 19.88
CA SER C 300 -63.43 39.83 20.23
C SER C 300 -64.10 40.91 19.38
N THR C 301 -65.41 40.74 19.16
CA THR C 301 -66.18 41.70 18.37
C THR C 301 -67.65 41.57 18.77
N GLU C 302 -68.36 42.70 18.78
CA GLU C 302 -69.80 42.72 19.01
C GLU C 302 -70.50 42.65 17.66
N VAL C 303 -71.61 41.92 17.62
CA VAL C 303 -72.36 41.73 16.39
C VAL C 303 -73.85 41.67 16.72
N GLN C 304 -74.66 42.07 15.75
CA GLN C 304 -76.13 42.11 15.88
C GLN C 304 -76.68 41.28 14.73
N CYS C 305 -76.96 40.01 14.98
CA CYS C 305 -77.37 39.05 13.97
C CYS C 305 -78.81 38.56 14.12
N LYS C 306 -79.27 38.28 15.33
CA LYS C 306 -80.64 37.84 15.58
C LYS C 306 -81.01 36.65 14.67
N GLY C 307 -80.35 35.53 14.95
CA GLY C 307 -80.53 34.34 14.15
C GLY C 307 -79.43 34.13 13.14
N GLY C 308 -79.04 32.88 12.95
CA GLY C 308 -77.91 32.52 12.12
C GLY C 308 -76.75 31.97 12.95
N ASN C 309 -75.57 32.01 12.35
CA ASN C 309 -74.35 31.52 12.97
C ASN C 309 -73.23 32.52 12.72
N VAL C 310 -72.47 32.85 13.77
CA VAL C 310 -71.30 33.71 13.66
C VAL C 310 -70.08 32.82 13.54
N CYS C 311 -69.24 33.08 12.54
CA CYS C 311 -68.08 32.26 12.24
C CYS C 311 -66.83 33.12 12.16
N VAL C 312 -65.69 32.53 12.48
CA VAL C 312 -64.42 33.25 12.50
C VAL C 312 -63.31 32.33 12.01
N GLN C 313 -62.46 32.85 11.12
CA GLN C 313 -61.27 32.14 10.66
C GLN C 313 -60.05 33.02 10.90
N ALA C 314 -58.89 32.36 11.07
CA ALA C 314 -57.64 33.03 11.36
C ALA C 314 -56.70 32.95 10.17
N GLN C 315 -55.83 33.95 10.04
CA GLN C 315 -54.82 34.00 9.00
C GLN C 315 -53.59 34.71 9.54
N ASP C 316 -52.41 34.32 9.03
CA ASP C 316 -51.19 35.06 9.33
C ASP C 316 -51.32 36.50 8.86
N ARG C 317 -51.08 37.45 9.78
CA ARG C 317 -51.30 38.86 9.46
C ARG C 317 -50.37 39.35 8.35
N TYR C 318 -49.07 39.08 8.49
CA TYR C 318 -48.06 39.67 7.63
C TYR C 318 -47.74 38.84 6.40
N TYR C 319 -48.44 37.73 6.18
CA TYR C 319 -48.21 36.89 5.01
C TYR C 319 -49.53 36.33 4.55
N ASN C 320 -49.68 36.17 3.23
CA ASN C 320 -50.90 35.63 2.63
C ASN C 320 -50.90 34.09 2.75
N SER C 321 -50.84 33.63 3.99
CA SER C 321 -50.88 32.21 4.28
C SER C 321 -52.31 31.70 4.25
N SER C 322 -52.45 30.39 4.11
CA SER C 322 -53.77 29.78 4.07
C SER C 322 -54.49 30.01 5.40
N CYS C 323 -55.79 30.28 5.31
CA CYS C 323 -56.60 30.56 6.48
C CYS C 323 -57.03 29.26 7.16
N SER C 324 -57.31 29.37 8.46
CA SER C 324 -57.76 28.23 9.22
C SER C 324 -59.22 27.90 8.90
N LYS C 325 -59.66 26.75 9.39
CA LYS C 325 -61.06 26.38 9.24
C LYS C 325 -61.93 27.26 10.14
N TRP C 326 -63.17 27.49 9.70
CA TRP C 326 -64.07 28.35 10.44
C TRP C 326 -64.50 27.68 11.74
N ALA C 327 -64.47 28.45 12.83
CA ALA C 327 -65.08 28.10 14.11
C ALA C 327 -66.34 28.95 14.26
N CYS C 328 -67.46 28.32 14.58
CA CYS C 328 -68.77 28.97 14.51
C CYS C 328 -69.53 28.79 15.81
N VAL C 329 -70.37 29.79 16.11
CA VAL C 329 -71.31 29.73 17.22
C VAL C 329 -72.69 30.13 16.72
N PRO C 330 -73.76 29.52 17.21
CA PRO C 330 -75.10 29.92 16.76
C PRO C 330 -75.49 31.27 17.36
N CYS C 331 -76.07 32.11 16.53
CA CYS C 331 -76.57 33.41 16.96
C CYS C 331 -77.88 33.20 17.71
N ARG C 332 -77.85 33.38 19.03
CA ARG C 332 -79.04 33.19 19.86
C ARG C 332 -78.96 34.16 21.02
N VAL C 333 -79.79 35.20 20.99
CA VAL C 333 -79.75 36.27 21.97
C VAL C 333 -80.83 36.04 23.02
N ARG C 334 -80.68 36.71 24.16
CA ARG C 334 -81.62 36.58 25.27
C ARG C 334 -82.93 37.31 24.99
N MET D 23 30.18 6.86 -2.93
CA MET D 23 30.79 5.90 -2.01
C MET D 23 29.88 4.69 -1.83
N TRP D 24 30.34 3.73 -1.03
CA TRP D 24 29.57 2.52 -0.74
C TRP D 24 29.95 2.00 0.64
N GLU D 25 28.97 1.41 1.32
CA GLU D 25 29.14 1.00 2.71
C GLU D 25 29.91 -0.31 2.82
N LEU D 26 30.70 -0.42 3.88
CA LEU D 26 31.40 -1.65 4.23
C LEU D 26 30.80 -2.33 5.45
N GLU D 27 30.63 -1.59 6.55
CA GLU D 27 30.00 -2.11 7.76
C GLU D 27 29.39 -0.94 8.51
N LYS D 28 28.84 -1.24 9.68
CA LYS D 28 28.20 -0.22 10.50
C LYS D 28 29.11 0.98 10.72
N ASP D 29 28.69 2.14 10.22
CA ASP D 29 29.42 3.40 10.40
C ASP D 29 30.79 3.37 9.73
N VAL D 30 30.92 2.64 8.62
CA VAL D 30 32.18 2.54 7.88
C VAL D 30 31.87 2.51 6.40
N TYR D 31 32.42 3.47 5.65
CA TYR D 31 32.12 3.64 4.24
C TYR D 31 33.42 3.76 3.45
N VAL D 32 33.32 3.55 2.14
CA VAL D 32 34.47 3.53 1.25
C VAL D 32 34.19 4.44 0.06
N VAL D 33 35.10 5.38 -0.20
CA VAL D 33 34.96 6.35 -1.28
C VAL D 33 35.91 5.95 -2.41
N GLU D 34 35.36 5.71 -3.59
CA GLU D 34 36.15 5.43 -4.78
C GLU D 34 36.69 6.75 -5.34
N VAL D 35 38.01 6.93 -5.27
CA VAL D 35 38.66 8.17 -5.65
C VAL D 35 39.56 7.91 -6.84
N ASP D 36 39.48 8.78 -7.85
CA ASP D 36 40.45 8.82 -8.93
C ASP D 36 41.60 9.71 -8.49
N TRP D 37 42.79 9.12 -8.35
CA TRP D 37 43.88 9.79 -7.65
C TRP D 37 44.61 10.83 -8.49
N THR D 38 44.44 10.83 -9.81
CA THR D 38 45.10 11.83 -10.64
C THR D 38 44.71 13.23 -10.14
N PRO D 39 45.68 14.14 -9.94
CA PRO D 39 45.36 15.38 -9.21
C PRO D 39 44.54 16.38 -9.99
N ASP D 40 44.51 16.31 -11.32
CA ASP D 40 43.74 17.27 -12.11
C ASP D 40 42.26 16.89 -12.21
N ALA D 41 41.88 15.68 -11.78
CA ALA D 41 40.49 15.23 -11.82
C ALA D 41 39.77 15.63 -10.53
N PRO D 42 38.50 16.01 -10.60
CA PRO D 42 37.83 16.49 -9.40
C PRO D 42 37.43 15.37 -8.46
N GLY D 43 37.24 15.75 -7.20
CA GLY D 43 36.87 14.82 -6.15
C GLY D 43 35.42 14.43 -6.19
N GLU D 44 35.05 13.60 -5.22
CA GLU D 44 33.69 13.11 -5.08
C GLU D 44 33.05 13.75 -3.86
N THR D 45 31.89 14.37 -4.06
CA THR D 45 31.11 14.94 -2.97
C THR D 45 30.23 13.85 -2.37
N VAL D 46 30.16 13.82 -1.04
CA VAL D 46 29.48 12.75 -0.32
C VAL D 46 28.70 13.35 0.84
N ASN D 47 27.47 12.86 1.02
CA ASN D 47 26.61 13.28 2.12
C ASN D 47 26.84 12.37 3.32
N LEU D 48 26.99 12.96 4.50
CA LEU D 48 27.06 12.24 5.77
C LEU D 48 25.98 12.80 6.69
N THR D 49 24.94 12.01 6.93
CA THR D 49 23.84 12.40 7.79
C THR D 49 23.99 11.75 9.16
N CYS D 50 23.73 12.54 10.20
CA CYS D 50 23.85 12.07 11.57
C CYS D 50 22.66 11.18 11.92
N ASP D 51 22.95 9.99 12.43
CA ASP D 51 21.92 9.00 12.74
C ASP D 51 21.35 9.28 14.14
N THR D 52 20.58 10.36 14.23
CA THR D 52 20.01 10.81 15.48
C THR D 52 18.67 11.48 15.19
N PRO D 53 17.68 11.34 16.09
CA PRO D 53 16.42 12.07 15.87
C PRO D 53 16.59 13.57 15.82
N GLU D 54 17.52 14.12 16.60
CA GLU D 54 17.68 15.57 16.69
C GLU D 54 18.09 16.14 15.34
N GLU D 55 17.70 17.41 15.11
CA GLU D 55 18.06 18.10 13.88
C GLU D 55 18.43 19.57 14.13
N ASP D 56 18.80 19.92 15.36
CA ASP D 56 19.23 21.27 15.69
C ASP D 56 20.39 21.21 16.66
N ASP D 57 21.35 22.12 16.51
CA ASP D 57 22.56 22.15 17.33
C ASP D 57 23.49 20.99 17.00
N ILE D 58 23.49 20.55 15.75
CA ILE D 58 24.27 19.41 15.31
C ILE D 58 25.53 19.93 14.64
N THR D 59 26.69 19.51 15.15
CA THR D 59 27.98 19.90 14.61
C THR D 59 28.85 18.66 14.43
N TRP D 60 29.89 18.81 13.61
CA TRP D 60 30.77 17.71 13.23
C TRP D 60 32.20 18.01 13.64
N THR D 61 32.89 17.00 14.16
CA THR D 61 34.31 17.09 14.50
C THR D 61 35.02 15.91 13.87
N SER D 62 36.05 16.19 13.07
CA SER D 62 36.88 15.17 12.45
C SER D 62 38.16 14.96 13.26
N ASP D 63 38.74 13.76 13.12
CA ASP D 63 40.04 13.50 13.70
C ASP D 63 41.15 14.16 12.89
N GLN D 64 41.02 14.16 11.56
CA GLN D 64 42.03 14.78 10.71
C GLN D 64 42.12 16.27 10.96
N ARG D 65 40.99 16.92 11.24
CA ARG D 65 40.92 18.37 11.38
C ARG D 65 40.44 18.71 12.78
N HIS D 66 41.22 19.53 13.49
CA HIS D 66 40.78 20.05 14.78
C HIS D 66 39.63 21.02 14.59
N GLY D 67 38.68 21.00 15.53
CA GLY D 67 37.58 21.93 15.49
C GLY D 67 36.39 21.39 14.73
N VAL D 68 35.35 22.23 14.66
CA VAL D 68 34.14 21.89 13.92
C VAL D 68 34.34 22.20 12.45
N ILE D 69 33.79 21.34 11.59
CA ILE D 69 33.91 21.49 10.15
C ILE D 69 32.60 21.88 9.50
N GLY D 70 31.49 21.30 9.93
CA GLY D 70 30.20 21.58 9.34
C GLY D 70 29.11 21.54 10.38
N SER D 71 28.04 22.27 10.08
CA SER D 71 26.83 22.29 10.91
C SER D 71 25.66 21.77 10.08
N GLY D 72 24.67 21.25 10.77
CA GLY D 72 23.52 20.66 10.14
C GLY D 72 23.56 19.13 10.15
N LYS D 73 22.38 18.53 10.05
CA LYS D 73 22.29 17.08 10.15
C LYS D 73 23.01 16.39 8.99
N THR D 74 22.88 16.92 7.78
CA THR D 74 23.51 16.36 6.59
C THR D 74 24.71 17.23 6.23
N LEU D 75 25.90 16.65 6.31
CA LEU D 75 27.14 17.33 5.97
C LEU D 75 27.65 16.81 4.62
N THR D 76 27.76 17.72 3.65
CA THR D 76 28.20 17.39 2.29
C THR D 76 29.64 17.88 2.11
N ILE D 77 30.55 16.95 1.82
CA ILE D 77 31.99 17.23 1.76
C ILE D 77 32.59 16.67 0.49
N THR D 78 33.57 17.38 -0.06
CA THR D 78 34.38 16.89 -1.17
C THR D 78 35.57 16.12 -0.63
N VAL D 79 35.89 14.99 -1.27
CA VAL D 79 36.96 14.09 -0.83
C VAL D 79 37.89 13.83 -2.01
N LYS D 80 39.17 14.17 -1.83
CA LYS D 80 40.21 13.79 -2.79
C LYS D 80 41.48 13.27 -2.15
N GLU D 81 41.79 13.61 -0.90
CA GLU D 81 42.99 13.15 -0.22
C GLU D 81 42.57 12.49 1.09
N PHE D 82 43.51 11.76 1.68
CA PHE D 82 43.24 11.08 2.94
C PHE D 82 42.90 12.06 4.06
N LEU D 83 43.34 13.32 3.94
CA LEU D 83 42.96 14.33 4.91
C LEU D 83 41.45 14.53 4.96
N ASP D 84 40.74 14.19 3.89
CA ASP D 84 39.28 14.28 3.84
C ASP D 84 38.60 12.99 4.28
N ALA D 85 39.31 12.12 4.99
CA ALA D 85 38.77 10.86 5.50
C ALA D 85 38.90 10.84 7.03
N GLY D 86 38.59 9.70 7.62
CA GLY D 86 38.72 9.49 9.05
C GLY D 86 37.39 9.40 9.76
N GLN D 87 37.44 9.65 11.07
CA GLN D 87 36.28 9.48 11.95
C GLN D 87 35.60 10.82 12.18
N TYR D 88 34.52 11.06 11.45
CA TYR D 88 33.65 12.21 11.66
C TYR D 88 32.64 11.88 12.76
N THR D 89 32.62 12.70 13.80
CA THR D 89 31.76 12.49 14.96
C THR D 89 30.84 13.68 15.14
N CYS D 90 29.57 13.41 15.40
CA CYS D 90 28.61 14.48 15.62
C CYS D 90 28.85 15.12 16.99
N HIS D 91 28.11 16.21 17.25
CA HIS D 91 28.23 16.90 18.52
C HIS D 91 27.02 17.78 18.72
N LYS D 92 26.39 17.67 19.90
CA LYS D 92 25.30 18.55 20.28
C LYS D 92 25.35 18.79 21.79
N GLU D 95 27.78 16.80 23.74
CA GLU D 95 27.83 15.34 23.76
C GLU D 95 27.87 14.78 22.35
N THR D 96 28.61 13.68 22.17
CA THR D 96 28.70 13.01 20.88
C THR D 96 27.46 12.17 20.62
N LEU D 97 26.96 12.23 19.38
CA LEU D 97 25.74 11.51 19.00
C LEU D 97 26.05 10.24 18.19
N SER D 98 26.73 10.39 17.06
CA SER D 98 27.02 9.26 16.19
C SER D 98 28.27 9.56 15.38
N HIS D 99 28.97 8.49 15.00
CA HIS D 99 30.24 8.59 14.30
C HIS D 99 30.15 7.86 12.96
N SER D 100 31.01 8.29 12.03
CA SER D 100 31.09 7.70 10.70
C SER D 100 32.54 7.71 10.24
N HIS D 101 33.04 6.54 9.84
CA HIS D 101 34.43 6.37 9.41
C HIS D 101 34.46 6.23 7.90
N LEU D 102 35.39 6.93 7.25
CA LEU D 102 35.51 6.92 5.81
C LEU D 102 36.84 6.29 5.40
N LEU D 103 36.83 5.62 4.24
CA LEU D 103 38.04 5.03 3.68
C LEU D 103 38.09 5.33 2.18
N LEU D 104 39.30 5.35 1.64
CA LEU D 104 39.54 5.67 0.23
C LEU D 104 40.09 4.46 -0.50
N HIS D 105 39.63 4.28 -1.74
CA HIS D 105 40.14 3.25 -2.64
C HIS D 105 40.78 3.97 -3.83
N LYS D 106 42.11 3.98 -3.86
CA LYS D 106 42.84 4.71 -4.88
C LYS D 106 42.61 4.10 -6.25
N LYS D 107 42.69 4.94 -7.29
CA LYS D 107 42.46 4.50 -8.66
C LYS D 107 43.26 5.43 -9.59
N GLU D 108 44.37 4.91 -10.12
CA GLU D 108 45.27 5.68 -10.98
C GLU D 108 45.34 5.04 -12.36
N ASN D 109 45.13 5.85 -13.39
CA ASN D 109 45.04 5.38 -14.77
C ASN D 109 44.06 4.20 -14.86
N GLY D 110 42.91 4.37 -14.22
CA GLY D 110 41.92 3.31 -14.19
C GLY D 110 42.43 2.00 -13.64
N ILE D 111 43.34 2.06 -12.67
CA ILE D 111 43.90 0.87 -12.04
C ILE D 111 43.75 1.03 -10.53
N TRP D 112 43.20 0.00 -9.88
CA TRP D 112 43.02 0.04 -8.45
C TRP D 112 44.34 -0.23 -7.75
N SER D 113 44.56 0.47 -6.63
CA SER D 113 45.83 0.39 -5.94
C SER D 113 46.04 -0.98 -5.30
N THR D 114 47.29 -1.39 -5.25
CA THR D 114 47.72 -2.67 -4.66
C THR D 114 48.95 -2.43 -3.78
N GLU D 115 48.87 -1.38 -2.96
CA GLU D 115 50.05 -0.87 -2.26
C GLU D 115 50.20 -1.42 -0.85
N ILE D 116 49.16 -2.03 -0.29
CA ILE D 116 49.27 -2.54 1.08
C ILE D 116 50.07 -3.83 1.12
N LEU D 117 49.82 -4.74 0.19
CA LEU D 117 50.44 -6.05 0.20
C LEU D 117 51.69 -6.06 -0.68
N LYS D 118 52.62 -6.95 -0.34
CA LYS D 118 53.80 -7.23 -1.15
C LYS D 118 53.58 -8.52 -1.93
N ASN D 119 53.80 -8.47 -3.24
CA ASN D 119 53.63 -9.63 -4.09
C ASN D 119 54.84 -10.56 -3.97
N PHE D 120 54.62 -11.83 -4.34
CA PHE D 120 55.66 -12.83 -4.35
C PHE D 120 56.41 -12.78 -5.69
N LYS D 121 57.45 -13.61 -5.82
CA LYS D 121 58.21 -13.65 -7.06
C LYS D 121 57.30 -13.90 -8.25
N ASN D 122 56.29 -14.75 -8.08
CA ASN D 122 55.39 -15.13 -9.17
C ASN D 122 54.34 -14.08 -9.47
N LYS D 123 54.41 -12.92 -8.82
CA LYS D 123 53.52 -11.78 -9.03
C LYS D 123 52.17 -11.95 -8.33
N THR D 124 51.90 -13.08 -7.71
CA THR D 124 50.65 -13.23 -6.97
C THR D 124 50.80 -12.70 -5.54
N PHE D 125 49.66 -12.39 -4.93
CA PHE D 125 49.63 -11.85 -3.57
C PHE D 125 49.18 -12.86 -2.53
N LEU D 126 48.45 -13.89 -2.93
CA LEU D 126 47.83 -14.84 -1.99
C LEU D 126 48.39 -16.24 -2.27
N LYS D 127 49.32 -16.67 -1.42
CA LYS D 127 49.90 -18.00 -1.52
C LYS D 127 49.07 -18.95 -0.65
N CYS D 128 48.48 -19.96 -1.28
CA CYS D 128 47.61 -20.91 -0.62
C CYS D 128 48.12 -22.32 -0.83
N GLU D 129 48.12 -23.12 0.25
CA GLU D 129 48.64 -24.48 0.21
C GLU D 129 47.75 -25.38 1.07
N ALA D 130 47.67 -26.66 0.69
CA ALA D 130 46.83 -27.63 1.36
C ALA D 130 47.62 -28.91 1.58
N PRO D 131 47.77 -29.37 2.83
CA PRO D 131 48.51 -30.62 3.07
C PRO D 131 47.75 -31.89 2.74
N ASN D 132 46.49 -31.79 2.33
CA ASN D 132 45.69 -32.95 1.97
C ASN D 132 44.44 -32.45 1.25
N TYR D 133 43.58 -33.40 0.86
CA TYR D 133 42.34 -33.08 0.18
C TYR D 133 41.16 -32.94 1.13
N SER D 134 41.41 -32.75 2.42
CA SER D 134 40.35 -32.67 3.42
C SER D 134 39.49 -31.41 3.28
N GLY D 135 39.75 -30.55 2.29
CA GLY D 135 39.09 -29.28 2.19
C GLY D 135 39.71 -28.18 3.00
N ARG D 136 40.54 -28.51 4.00
CA ARG D 136 41.24 -27.51 4.80
C ARG D 136 42.46 -27.00 4.04
N PHE D 137 42.70 -25.70 4.13
CA PHE D 137 43.88 -25.09 3.52
C PHE D 137 44.18 -23.79 4.24
N THR D 138 45.32 -23.20 3.90
CA THR D 138 45.79 -21.96 4.50
C THR D 138 46.34 -21.04 3.42
N CYS D 139 46.00 -19.76 3.50
CA CYS D 139 46.47 -18.76 2.55
C CYS D 139 47.31 -17.72 3.29
N SER D 140 48.42 -17.32 2.67
CA SER D 140 49.34 -16.35 3.24
C SER D 140 49.55 -15.21 2.26
N TRP D 141 49.99 -14.07 2.81
CA TRP D 141 50.28 -12.89 2.00
C TRP D 141 51.30 -12.06 2.74
N LEU D 142 51.98 -11.18 1.99
CA LEU D 142 53.05 -10.35 2.53
C LEU D 142 52.59 -8.91 2.60
N VAL D 143 53.02 -8.22 3.65
CA VAL D 143 52.63 -6.83 3.91
C VAL D 143 53.83 -5.93 3.66
N GLN D 144 53.56 -4.74 3.09
CA GLN D 144 54.61 -3.76 2.91
C GLN D 144 55.05 -3.18 4.25
N ARG D 145 54.08 -2.78 5.07
CA ARG D 145 54.33 -2.31 6.43
C ARG D 145 53.29 -2.93 7.36
N ASN D 146 53.61 -2.91 8.65
CA ASN D 146 52.76 -3.46 9.70
C ASN D 146 52.43 -2.36 10.70
N MET D 147 51.38 -1.59 10.42
CA MET D 147 50.89 -0.56 11.34
C MET D 147 49.40 -0.40 11.12
N ASP D 148 48.60 -0.79 12.10
CA ASP D 148 47.15 -0.61 12.05
C ASP D 148 46.57 -1.25 10.78
N LEU D 149 46.68 -2.57 10.74
CA LEU D 149 46.19 -3.35 9.61
C LEU D 149 44.94 -4.10 10.06
N LYS D 150 43.98 -4.22 9.14
CA LYS D 150 42.77 -4.99 9.36
C LYS D 150 42.58 -5.89 8.15
N PHE D 151 42.35 -7.18 8.39
CA PHE D 151 42.24 -8.16 7.32
C PHE D 151 40.96 -8.96 7.46
N ASN D 152 40.23 -9.10 6.35
CA ASN D 152 39.06 -9.97 6.28
C ASN D 152 39.10 -10.74 4.96
N ILE D 153 38.64 -11.98 4.99
CA ILE D 153 38.71 -12.85 3.82
C ILE D 153 37.48 -13.75 3.78
N LYS D 154 36.90 -13.89 2.60
CA LYS D 154 35.65 -14.62 2.42
C LYS D 154 35.50 -15.03 0.96
N SER D 155 34.62 -16.00 0.73
CA SER D 155 34.33 -16.43 -0.63
C SER D 155 33.77 -15.29 -1.46
N SER D 156 34.42 -15.02 -2.59
CA SER D 156 34.08 -13.89 -3.44
C SER D 156 32.88 -14.16 -4.36
N SER D 157 32.40 -15.39 -4.45
CA SER D 157 31.25 -15.71 -5.30
C SER D 157 29.94 -15.73 -4.50
N SER D 158 29.86 -16.57 -3.48
CA SER D 158 28.70 -16.65 -2.59
C SER D 158 27.38 -16.60 -3.36
N SER D 159 27.20 -17.60 -4.22
CA SER D 159 25.99 -17.73 -5.01
C SER D 159 25.79 -19.20 -5.34
N PRO D 160 24.59 -19.61 -5.76
CA PRO D 160 24.40 -20.97 -6.24
C PRO D 160 25.45 -21.34 -7.28
N ASP D 161 25.87 -22.61 -7.26
CA ASP D 161 26.98 -23.10 -8.08
C ASP D 161 28.32 -22.52 -7.61
N SER D 162 28.52 -22.47 -6.29
CA SER D 162 29.78 -22.05 -5.70
C SER D 162 30.09 -23.00 -4.54
N ARG D 163 31.24 -22.78 -3.90
CA ARG D 163 31.74 -23.67 -2.86
C ARG D 163 31.86 -22.92 -1.54
N ALA D 164 31.13 -23.41 -0.53
CA ALA D 164 31.09 -22.78 0.77
C ALA D 164 32.41 -22.97 1.51
N VAL D 165 33.05 -21.86 1.90
CA VAL D 165 34.32 -21.89 2.62
C VAL D 165 34.20 -21.01 3.85
N THR D 166 34.66 -21.52 4.99
CA THR D 166 34.70 -20.78 6.25
C THR D 166 36.17 -20.55 6.62
N CYS D 167 36.54 -19.28 6.79
CA CYS D 167 37.91 -18.90 7.10
C CYS D 167 37.96 -18.23 8.46
N GLY D 168 38.91 -18.66 9.28
CA GLY D 168 39.12 -18.04 10.57
C GLY D 168 39.79 -16.68 10.42
N MET D 169 40.27 -16.18 11.56
CA MET D 169 40.93 -14.88 11.60
C MET D 169 42.39 -14.99 11.16
N ALA D 170 42.89 -13.94 10.53
CA ALA D 170 44.29 -13.88 10.13
C ALA D 170 45.18 -13.77 11.36
N SER D 171 46.48 -13.95 11.13
CA SER D 171 47.47 -13.91 12.21
C SER D 171 48.85 -13.75 11.60
N LEU D 172 49.71 -13.04 12.31
CA LEU D 172 51.08 -12.83 11.88
C LEU D 172 51.91 -14.09 12.16
N SER D 173 52.65 -14.54 11.15
CA SER D 173 53.53 -15.70 11.29
C SER D 173 54.92 -15.26 11.73
N ALA D 174 55.49 -16.00 12.68
CA ALA D 174 56.86 -15.75 13.09
C ALA D 174 57.83 -15.80 11.92
N GLU D 175 57.54 -16.64 10.93
CA GLU D 175 58.41 -16.79 9.76
C GLU D 175 58.36 -15.52 8.91
N LYS D 176 59.50 -14.85 8.80
CA LYS D 176 59.65 -13.74 7.86
C LYS D 176 60.12 -14.27 6.50
N VAL D 177 59.67 -13.60 5.44
CA VAL D 177 60.01 -13.97 4.07
C VAL D 177 60.83 -12.85 3.46
N THR D 178 62.04 -13.18 3.01
CA THR D 178 62.98 -12.21 2.47
C THR D 178 62.86 -12.19 0.95
N LEU D 179 62.70 -10.99 0.38
CA LEU D 179 62.71 -10.82 -1.07
C LEU D 179 63.73 -9.78 -1.50
N ASP D 180 64.70 -10.24 -2.27
CA ASP D 180 65.82 -9.54 -2.90
C ASP D 180 66.83 -8.90 -1.96
N GLN D 181 66.37 -8.24 -0.89
CA GLN D 181 67.17 -7.96 0.30
C GLN D 181 66.24 -7.85 1.52
N ARG D 182 64.95 -7.63 1.25
CA ARG D 182 64.02 -7.08 2.23
C ARG D 182 63.23 -8.19 2.88
N ASP D 183 63.12 -8.13 4.20
CA ASP D 183 62.37 -9.10 4.98
C ASP D 183 60.95 -8.57 5.17
N TYR D 184 60.01 -9.04 4.37
CA TYR D 184 58.61 -8.69 4.53
C TYR D 184 57.96 -9.66 5.50
N GLU D 185 57.02 -9.15 6.29
CA GLU D 185 56.28 -9.97 7.24
C GLU D 185 55.09 -10.62 6.56
N LYS D 186 54.69 -11.78 7.05
CA LYS D 186 53.71 -12.64 6.39
C LYS D 186 52.53 -12.89 7.32
N TYR D 187 51.32 -12.67 6.80
CA TYR D 187 50.08 -12.95 7.51
C TYR D 187 49.42 -14.19 6.88
N SER D 188 48.99 -15.12 7.73
CA SER D 188 48.37 -16.35 7.29
C SER D 188 47.00 -16.51 7.91
N VAL D 189 46.18 -17.37 7.29
CA VAL D 189 44.81 -17.60 7.73
C VAL D 189 44.43 -19.03 7.40
N SER D 190 43.71 -19.67 8.31
CA SER D 190 43.27 -21.06 8.15
C SER D 190 41.83 -21.08 7.64
N CYS D 191 41.59 -21.85 6.59
CA CYS D 191 40.29 -21.95 5.96
C CYS D 191 39.86 -23.40 5.86
N GLN D 192 38.54 -23.63 5.95
CA GLN D 192 37.97 -24.96 5.86
C GLN D 192 36.76 -24.93 4.95
N GLU D 193 36.73 -25.84 3.97
CA GLU D 193 35.54 -26.02 3.13
C GLU D 193 34.50 -26.84 3.89
N ASP D 194 33.24 -26.42 3.77
CA ASP D 194 32.16 -27.07 4.52
C ASP D 194 31.70 -28.34 3.83
N VAL D 195 31.29 -28.23 2.56
CA VAL D 195 30.89 -29.39 1.77
C VAL D 195 32.15 -30.12 1.34
N THR D 196 32.31 -31.37 1.79
CA THR D 196 33.55 -32.10 1.56
C THR D 196 33.29 -33.56 1.21
N CYS D 197 33.64 -33.93 -0.03
CA CYS D 197 33.76 -35.32 -0.48
C CYS D 197 35.19 -35.47 -0.97
N PRO D 198 36.13 -35.89 -0.10
CA PRO D 198 37.55 -35.89 -0.47
C PRO D 198 37.81 -36.33 -1.90
N THR D 199 37.25 -37.48 -2.28
CA THR D 199 37.55 -38.10 -3.57
C THR D 199 36.87 -37.40 -4.75
N ALA D 200 35.94 -36.49 -4.50
CA ALA D 200 35.21 -35.86 -5.60
C ALA D 200 36.14 -35.03 -6.47
N GLU D 201 35.91 -35.08 -7.78
CA GLU D 201 36.68 -34.27 -8.70
C GLU D 201 36.23 -32.82 -8.63
N GLU D 202 37.20 -31.90 -8.60
CA GLU D 202 36.90 -30.48 -8.47
C GLU D 202 36.35 -29.92 -9.77
N THR D 203 35.11 -29.45 -9.73
CA THR D 203 34.44 -28.91 -10.91
C THR D 203 34.55 -27.40 -11.00
N LEU D 204 34.50 -26.69 -9.87
CA LEU D 204 34.49 -25.24 -9.85
C LEU D 204 35.51 -24.75 -8.83
N PRO D 205 36.31 -23.73 -9.17
CA PRO D 205 37.40 -23.33 -8.28
C PRO D 205 36.90 -22.56 -7.06
N ILE D 206 37.75 -22.55 -6.03
CA ILE D 206 37.51 -21.72 -4.86
C ILE D 206 37.88 -20.28 -5.20
N GLU D 207 36.90 -19.39 -5.13
CA GLU D 207 37.10 -17.97 -5.41
C GLU D 207 37.13 -17.22 -4.09
N LEU D 208 38.31 -16.75 -3.70
CA LEU D 208 38.49 -16.04 -2.44
C LEU D 208 38.80 -14.57 -2.71
N ALA D 209 38.56 -13.75 -1.70
CA ALA D 209 38.87 -12.33 -1.75
C ALA D 209 39.33 -11.88 -0.36
N LEU D 210 40.27 -10.92 -0.35
CA LEU D 210 40.85 -10.40 0.88
C LEU D 210 40.68 -8.89 0.93
N GLU D 211 39.92 -8.42 1.92
CA GLU D 211 39.77 -6.99 2.18
C GLU D 211 40.86 -6.54 3.14
N ALA D 212 41.75 -5.66 2.67
CA ALA D 212 42.87 -5.16 3.45
C ALA D 212 42.73 -3.66 3.68
N ARG D 213 43.00 -3.23 4.91
CA ARG D 213 42.90 -1.82 5.30
C ARG D 213 44.17 -1.41 6.01
N GLN D 214 44.76 -0.28 5.59
CA GLN D 214 45.95 0.28 6.22
C GLN D 214 45.71 1.72 6.69
N GLN D 215 45.16 1.85 7.88
CA GLN D 215 44.83 3.07 8.59
C GLN D 215 43.71 3.90 7.96
N ASN D 216 43.68 3.97 6.62
CA ASN D 216 42.50 4.50 5.94
C ASN D 216 42.38 3.99 4.51
N LYS D 217 43.32 3.16 4.07
CA LYS D 217 43.37 2.71 2.68
C LYS D 217 42.56 1.43 2.54
N TYR D 218 41.70 1.37 1.53
CA TYR D 218 40.90 0.18 1.27
C TYR D 218 41.37 -0.43 -0.04
N GLU D 219 41.78 -1.69 0.02
CA GLU D 219 42.18 -2.45 -1.15
C GLU D 219 41.64 -3.87 -0.99
N ASN D 220 41.12 -4.44 -2.07
CA ASN D 220 40.70 -5.83 -2.05
C ASN D 220 41.43 -6.61 -3.14
N TYR D 221 41.72 -7.88 -2.83
CA TYR D 221 42.45 -8.78 -3.71
C TYR D 221 41.64 -10.06 -3.89
N SER D 222 41.76 -10.65 -5.07
CA SER D 222 41.02 -11.85 -5.42
C SER D 222 41.98 -12.96 -5.80
N THR D 223 41.49 -14.20 -5.74
CA THR D 223 42.29 -15.36 -6.10
C THR D 223 41.34 -16.54 -6.30
N SER D 224 41.54 -17.30 -7.37
CA SER D 224 40.72 -18.46 -7.69
C SER D 224 41.63 -19.66 -7.91
N PHE D 225 41.42 -20.71 -7.12
CA PHE D 225 42.28 -21.88 -7.17
C PHE D 225 41.49 -23.14 -6.87
N PHE D 226 41.96 -24.26 -7.40
CA PHE D 226 41.51 -25.59 -7.00
C PHE D 226 42.42 -26.12 -5.91
N ILE D 227 41.85 -26.86 -4.96
CA ILE D 227 42.69 -27.47 -3.93
C ILE D 227 43.71 -28.40 -4.57
N ARG D 228 43.31 -29.12 -5.62
CA ARG D 228 44.22 -30.02 -6.31
C ARG D 228 45.48 -29.31 -6.80
N ASP D 229 45.38 -28.00 -7.05
CA ASP D 229 46.51 -27.24 -7.57
C ASP D 229 47.40 -26.66 -6.47
N ILE D 230 47.00 -26.81 -5.20
CA ILE D 230 47.79 -26.27 -4.09
C ILE D 230 48.11 -27.36 -3.07
N ILE D 231 48.17 -28.60 -3.51
CA ILE D 231 48.52 -29.70 -2.62
C ILE D 231 50.03 -29.70 -2.40
N LYS D 232 50.43 -29.67 -1.13
CA LYS D 232 51.85 -29.79 -0.76
C LYS D 232 51.93 -30.78 0.40
N PRO D 233 52.20 -32.06 0.12
CA PRO D 233 52.19 -33.06 1.18
C PRO D 233 53.22 -32.76 2.26
N ASP D 234 53.12 -33.51 3.36
CA ASP D 234 54.08 -33.41 4.43
C ASP D 234 55.26 -34.35 4.18
N PRO D 235 56.37 -34.12 4.85
CA PRO D 235 57.54 -35.00 4.67
C PRO D 235 57.19 -36.44 4.99
N PRO D 236 57.74 -37.40 4.25
CA PRO D 236 57.59 -38.80 4.65
C PRO D 236 58.06 -39.02 6.08
N LYS D 237 57.40 -39.94 6.78
CA LYS D 237 57.63 -40.15 8.20
C LYS D 237 58.48 -41.38 8.45
N ASN D 238 59.10 -41.42 9.62
CA ASN D 238 59.91 -42.53 10.10
C ASN D 238 60.82 -43.06 8.99
N LEU D 239 61.69 -42.18 8.52
CA LEU D 239 62.73 -42.58 7.59
C LEU D 239 63.73 -43.48 8.31
N GLN D 240 63.89 -44.70 7.82
CA GLN D 240 64.79 -45.68 8.43
C GLN D 240 65.87 -46.08 7.44
N MET D 241 67.06 -46.37 7.98
CA MET D 241 68.21 -46.83 7.20
C MET D 241 68.69 -48.13 7.83
N LYS D 242 68.21 -49.25 7.30
CA LYS D 242 68.63 -50.55 7.81
C LYS D 242 69.82 -51.01 6.99
N PRO D 243 71.04 -51.00 7.53
CA PRO D 243 72.19 -51.48 6.75
C PRO D 243 72.04 -52.96 6.43
N LEU D 244 71.91 -53.25 5.13
CA LEU D 244 71.71 -54.62 4.68
C LEU D 244 73.07 -55.31 4.57
N LYS D 245 73.87 -54.88 3.60
CA LYS D 245 75.24 -55.32 3.41
C LYS D 245 76.15 -54.13 3.65
N ASN D 246 77.39 -54.39 4.09
CA ASN D 246 78.34 -53.31 4.30
C ASN D 246 78.26 -52.26 3.19
N SER D 247 78.06 -52.72 1.95
CA SER D 247 78.01 -51.80 0.82
C SER D 247 76.64 -51.16 0.65
N GLN D 248 75.56 -51.92 0.89
CA GLN D 248 74.22 -51.47 0.60
C GLN D 248 73.45 -51.19 1.88
N VAL D 249 72.45 -50.31 1.77
CA VAL D 249 71.55 -49.99 2.87
C VAL D 249 70.15 -49.81 2.29
N GLU D 250 69.16 -50.38 2.97
CA GLU D 250 67.75 -50.23 2.58
C GLU D 250 67.14 -49.05 3.32
N VAL D 251 66.75 -48.03 2.58
CA VAL D 251 66.06 -46.87 3.14
C VAL D 251 64.57 -47.10 3.02
N SER D 252 63.84 -46.87 4.12
CA SER D 252 62.40 -47.05 4.16
C SER D 252 61.74 -45.79 4.71
N TRP D 253 60.43 -45.69 4.51
CA TRP D 253 59.64 -44.56 5.00
C TRP D 253 58.17 -44.92 4.87
N GLU D 254 57.31 -44.02 5.33
CA GLU D 254 55.87 -44.20 5.28
C GLU D 254 55.21 -42.92 4.79
N TYR D 255 53.99 -43.09 4.27
CA TYR D 255 53.17 -41.93 3.93
C TYR D 255 52.96 -41.08 5.19
N PRO D 256 52.80 -39.77 5.06
CA PRO D 256 52.48 -38.96 6.24
C PRO D 256 51.04 -39.19 6.68
N ASP D 257 50.84 -39.39 7.98
CA ASP D 257 49.48 -39.61 8.47
C ASP D 257 48.56 -38.47 8.09
N SER D 258 49.11 -37.26 7.92
CA SER D 258 48.31 -36.13 7.48
C SER D 258 47.66 -36.39 6.13
N TRP D 259 48.33 -37.15 5.27
CA TRP D 259 47.92 -37.26 3.88
C TRP D 259 46.62 -38.04 3.76
N SER D 260 45.89 -37.77 2.68
CA SER D 260 44.54 -38.26 2.54
C SER D 260 44.49 -39.79 2.43
N THR D 261 43.48 -40.38 3.05
CA THR D 261 43.13 -41.78 2.91
C THR D 261 41.90 -41.92 2.02
N PRO D 262 41.75 -43.03 1.29
CA PRO D 262 42.64 -44.20 1.21
C PRO D 262 43.83 -44.02 0.26
N HIS D 263 44.99 -44.53 0.67
CA HIS D 263 46.19 -44.35 -0.14
C HIS D 263 46.05 -45.01 -1.50
N SER D 264 45.25 -46.07 -1.61
CA SER D 264 45.05 -46.72 -2.90
C SER D 264 44.53 -45.73 -3.94
N TYR D 265 43.80 -44.70 -3.51
CA TYR D 265 43.33 -43.65 -4.41
C TYR D 265 44.31 -42.48 -4.45
N PHE D 266 44.73 -42.01 -3.27
CA PHE D 266 45.66 -40.89 -3.15
C PHE D 266 47.07 -41.44 -3.06
N SER D 267 47.65 -41.72 -4.22
CA SER D 267 48.96 -42.36 -4.30
C SER D 267 50.04 -41.29 -4.47
N LEU D 268 51.00 -41.27 -3.55
CA LEU D 268 52.15 -40.38 -3.65
C LEU D 268 53.32 -41.11 -4.32
N LYS D 269 54.02 -40.40 -5.19
CA LYS D 269 55.32 -40.84 -5.70
C LYS D 269 56.42 -40.07 -4.99
N PHE D 270 57.55 -40.74 -4.77
CA PHE D 270 58.66 -40.18 -4.01
C PHE D 270 59.88 -40.03 -4.91
N PHE D 271 60.72 -39.04 -4.57
CA PHE D 271 61.99 -38.82 -5.23
C PHE D 271 63.10 -38.97 -4.20
N VAL D 272 64.06 -39.84 -4.50
CA VAL D 272 65.18 -40.12 -3.60
C VAL D 272 66.43 -39.43 -4.13
N ARG D 273 67.27 -38.94 -3.22
CA ARG D 273 68.53 -38.33 -3.59
C ARG D 273 69.57 -38.64 -2.51
N ILE D 274 70.84 -38.52 -2.87
CA ILE D 274 71.94 -38.71 -1.95
C ILE D 274 72.87 -37.50 -2.05
N GLN D 275 73.15 -36.88 -0.90
CA GLN D 275 73.96 -35.67 -0.85
C GLN D 275 74.85 -35.66 0.38
N ARG D 276 76.07 -35.14 0.24
CA ARG D 276 77.00 -35.03 1.36
C ARG D 276 76.95 -33.64 2.00
N LYS D 277 75.76 -33.18 2.33
CA LYS D 277 75.56 -31.87 2.95
C LYS D 277 76.28 -30.76 2.18
N GLY D 287 60.60 -25.47 -3.52
CA GLY D 287 59.50 -26.39 -3.76
C GLY D 287 59.96 -27.70 -4.38
N CYS D 288 59.46 -28.00 -5.59
CA CYS D 288 59.89 -29.20 -6.28
C CYS D 288 61.24 -28.90 -6.92
N ASN D 289 62.29 -29.52 -6.41
CA ASN D 289 63.63 -29.35 -6.94
C ASN D 289 63.89 -30.53 -7.88
N GLN D 290 64.18 -30.21 -9.14
CA GLN D 290 64.32 -31.21 -10.18
C GLN D 290 65.77 -31.29 -10.62
N LYS D 291 66.69 -31.10 -9.69
CA LYS D 291 68.13 -31.20 -9.98
C LYS D 291 68.74 -32.51 -9.46
N GLY D 292 68.21 -33.65 -9.93
CA GLY D 292 68.75 -34.95 -9.60
C GLY D 292 68.03 -35.67 -8.48
N ALA D 293 67.35 -36.77 -8.83
CA ALA D 293 66.67 -37.64 -7.89
C ALA D 293 66.13 -38.83 -8.66
N PHE D 294 66.08 -40.00 -8.03
CA PHE D 294 65.60 -41.21 -8.67
C PHE D 294 64.16 -41.43 -8.23
N LEU D 295 63.28 -41.66 -9.20
CA LEU D 295 61.87 -41.84 -8.89
C LEU D 295 61.63 -43.20 -8.28
N VAL D 296 60.85 -43.25 -7.21
CA VAL D 296 60.42 -44.50 -6.60
C VAL D 296 58.99 -44.35 -6.12
N GLU D 297 58.14 -45.31 -6.48
CA GLU D 297 56.75 -45.31 -6.04
C GLU D 297 56.53 -46.19 -4.82
N LYS D 298 57.45 -47.11 -4.53
CA LYS D 298 57.41 -47.89 -3.31
C LYS D 298 57.88 -47.03 -2.13
N THR D 299 57.63 -47.53 -0.92
CA THR D 299 58.01 -46.83 0.30
C THR D 299 59.39 -47.26 0.80
N SER D 300 60.18 -47.92 -0.04
CA SER D 300 61.50 -48.38 0.37
C SER D 300 62.36 -48.59 -0.85
N THR D 301 63.68 -48.43 -0.67
CA THR D 301 64.64 -48.59 -1.74
C THR D 301 66.00 -48.89 -1.15
N GLU D 302 66.78 -49.71 -1.87
CA GLU D 302 68.17 -49.97 -1.50
C GLU D 302 69.08 -48.95 -2.17
N VAL D 303 70.11 -48.52 -1.44
CA VAL D 303 71.04 -47.52 -1.95
C VAL D 303 72.43 -47.85 -1.43
N GLN D 304 73.44 -47.42 -2.20
CA GLN D 304 74.86 -47.65 -1.90
C GLN D 304 75.51 -46.26 -1.85
N CYS D 305 75.59 -45.69 -0.66
CA CYS D 305 76.05 -44.32 -0.46
C CYS D 305 77.39 -44.23 0.26
N LYS D 306 77.59 -45.02 1.31
CA LYS D 306 78.86 -45.05 2.03
C LYS D 306 79.32 -43.63 2.38
N GLY D 307 78.51 -43.00 3.24
CA GLY D 307 78.77 -41.63 3.61
C GLY D 307 77.88 -40.67 2.84
N GLY D 308 77.44 -39.61 3.51
CA GLY D 308 76.49 -38.68 2.95
C GLY D 308 75.16 -38.73 3.65
N ASN D 309 74.14 -38.22 2.96
CA ASN D 309 72.79 -38.17 3.50
C ASN D 309 71.81 -38.62 2.41
N VAL D 310 70.86 -39.49 2.78
CA VAL D 310 69.78 -39.90 1.89
C VAL D 310 68.55 -39.08 2.23
N CYS D 311 67.93 -38.47 1.21
CA CYS D 311 66.80 -37.60 1.38
C CYS D 311 65.66 -38.04 0.47
N VAL D 312 64.42 -37.74 0.88
CA VAL D 312 63.23 -38.13 0.14
C VAL D 312 62.19 -37.04 0.25
N GLN D 313 61.55 -36.71 -0.87
CA GLN D 313 60.43 -35.78 -0.90
C GLN D 313 59.25 -36.47 -1.58
N ALA D 314 58.05 -36.04 -1.20
CA ALA D 314 56.82 -36.65 -1.69
C ALA D 314 56.11 -35.70 -2.65
N GLN D 315 55.35 -36.28 -3.57
CA GLN D 315 54.55 -35.52 -4.51
C GLN D 315 53.31 -36.33 -4.87
N ASP D 316 52.22 -35.62 -5.16
CA ASP D 316 51.03 -36.28 -5.69
C ASP D 316 51.38 -36.97 -7.00
N ARG D 317 51.06 -38.26 -7.09
CA ARG D 317 51.45 -39.06 -8.26
C ARG D 317 50.77 -38.55 -9.53
N TYR D 318 49.45 -38.38 -9.48
CA TYR D 318 48.64 -38.15 -10.66
C TYR D 318 48.45 -36.67 -10.99
N TYR D 319 49.09 -35.78 -10.24
CA TYR D 319 48.98 -34.35 -10.50
C TYR D 319 50.32 -33.70 -10.18
N ASN D 320 50.65 -32.65 -10.94
CA ASN D 320 51.90 -31.92 -10.74
C ASN D 320 51.78 -30.93 -9.58
N SER D 321 51.48 -31.49 -8.41
CA SER D 321 51.36 -30.71 -7.19
C SER D 321 52.74 -30.43 -6.60
N SER D 322 52.80 -29.44 -5.72
CA SER D 322 54.05 -29.08 -5.09
C SER D 322 54.57 -30.24 -4.25
N CYS D 323 55.88 -30.46 -4.29
CA CYS D 323 56.49 -31.55 -3.55
C CYS D 323 56.68 -31.16 -2.09
N SER D 324 56.76 -32.18 -1.24
CA SER D 324 57.02 -31.94 0.17
C SER D 324 58.49 -31.59 0.39
N LYS D 325 58.78 -31.09 1.59
CA LYS D 325 60.17 -30.82 1.95
C LYS D 325 60.91 -32.13 2.18
N TRP D 326 62.21 -32.10 1.92
CA TRP D 326 63.01 -33.31 2.05
C TRP D 326 63.11 -33.75 3.51
N ALA D 327 62.91 -35.04 3.74
CA ALA D 327 63.22 -35.70 5.00
C ALA D 327 64.49 -36.52 4.80
N CYS D 328 65.45 -36.35 5.69
CA CYS D 328 66.79 -36.87 5.45
C CYS D 328 67.28 -37.68 6.64
N VAL D 329 68.09 -38.70 6.33
CA VAL D 329 68.77 -39.53 7.32
C VAL D 329 70.23 -39.64 6.90
N PRO D 330 71.19 -39.64 7.81
CA PRO D 330 72.59 -39.74 7.40
C PRO D 330 72.95 -41.15 6.92
N CYS D 331 73.76 -41.19 5.86
CA CYS D 331 74.24 -42.47 5.33
C CYS D 331 75.30 -43.02 6.27
N ARG D 332 74.95 -44.05 7.02
CA ARG D 332 75.87 -44.64 7.99
C ARG D 332 75.56 -46.13 8.06
N VAL D 333 76.37 -46.94 7.39
CA VAL D 333 76.18 -48.39 7.35
C VAL D 333 77.19 -49.06 8.28
#